data_1ERD
#
_entry.id   1ERD
#
_cell.length_a   1.000
_cell.length_b   1.000
_cell.length_c   1.000
_cell.angle_alpha   90.00
_cell.angle_beta   90.00
_cell.angle_gamma   90.00
#
_symmetry.space_group_name_H-M   'P 1'
#
_entity_poly.entity_id   1
_entity_poly.type   'polypeptide(L)'
_entity_poly.pdbx_seq_one_letter_code
;DPMTCEQAMASCEHTMCGYCQGPLYMTCIGITTDPECGLP
;
_entity_poly.pdbx_strand_id   A
#
# COMPACT_ATOMS: atom_id res chain seq x y z
N ASP A 1 -13.82 -5.98 -5.82
CA ASP A 1 -12.73 -5.27 -5.14
C ASP A 1 -11.81 -6.25 -4.38
N PRO A 2 -11.03 -7.09 -5.06
CA PRO A 2 -10.16 -8.05 -4.40
C PRO A 2 -9.07 -7.33 -3.60
N MET A 3 -9.04 -7.57 -2.29
CA MET A 3 -8.21 -6.93 -1.29
C MET A 3 -8.73 -5.52 -0.98
N THR A 4 -8.42 -5.03 0.22
CA THR A 4 -8.78 -3.68 0.63
C THR A 4 -7.62 -2.72 0.42
N CYS A 5 -7.92 -1.42 0.55
CA CYS A 5 -6.93 -0.38 0.72
C CYS A 5 -5.90 -0.77 1.79
N GLU A 6 -6.34 -1.33 2.93
CA GLU A 6 -5.39 -1.82 3.91
C GLU A 6 -4.55 -2.89 3.26
N GLN A 7 -5.21 -3.94 2.75
CA GLN A 7 -4.51 -5.09 2.22
C GLN A 7 -3.43 -4.67 1.22
N ALA A 8 -3.65 -3.66 0.39
CA ALA A 8 -2.60 -3.13 -0.47
C ALA A 8 -1.37 -2.73 0.36
N MET A 9 -1.55 -1.96 1.44
CA MET A 9 -0.47 -1.65 2.36
C MET A 9 0.15 -2.90 2.95
N ALA A 10 -0.72 -3.74 3.48
CA ALA A 10 -0.40 -4.90 4.28
C ALA A 10 0.38 -5.91 3.43
N SER A 11 0.16 -5.89 2.13
CA SER A 11 0.88 -6.74 1.18
C SER A 11 2.23 -6.12 0.77
N CYS A 12 2.45 -4.83 1.02
CA CYS A 12 3.61 -4.12 0.52
C CYS A 12 3.48 -3.82 -0.98
N GLU A 13 2.32 -4.08 -1.59
CA GLU A 13 2.17 -4.00 -3.04
C GLU A 13 1.69 -2.60 -3.42
N HIS A 14 2.65 -1.67 -3.52
CA HIS A 14 2.42 -0.31 -3.99
C HIS A 14 1.63 -0.35 -5.30
N THR A 15 1.87 -1.36 -6.13
CA THR A 15 1.24 -1.44 -7.42
C THR A 15 -0.28 -1.54 -7.24
N MET A 16 -0.75 -2.29 -6.24
CA MET A 16 -2.14 -2.47 -5.91
C MET A 16 -2.67 -1.34 -5.01
N CYS A 17 -1.93 -0.22 -4.87
CA CYS A 17 -2.42 0.93 -4.15
C CYS A 17 -3.75 1.45 -4.71
N GLY A 18 -4.12 1.03 -5.93
CA GLY A 18 -5.37 1.35 -6.58
C GLY A 18 -6.59 1.22 -5.67
N TYR A 19 -6.57 0.33 -4.68
CA TYR A 19 -7.67 0.23 -3.74
C TYR A 19 -7.81 1.51 -2.92
N CYS A 20 -6.69 2.04 -2.44
CA CYS A 20 -6.64 3.31 -1.74
C CYS A 20 -6.75 4.44 -2.77
N GLN A 21 -7.05 5.66 -2.33
CA GLN A 21 -7.18 6.83 -3.20
C GLN A 21 -6.64 8.07 -2.47
N GLY A 22 -6.32 9.12 -3.21
CA GLY A 22 -5.93 10.42 -2.69
C GLY A 22 -4.86 10.32 -1.61
N PRO A 23 -5.17 10.74 -0.37
CA PRO A 23 -4.22 10.71 0.72
C PRO A 23 -3.82 9.26 1.02
N LEU A 24 -4.81 8.38 0.99
CA LEU A 24 -4.62 6.98 1.25
C LEU A 24 -3.79 6.33 0.14
N TYR A 25 -3.92 6.76 -1.11
CA TYR A 25 -3.02 6.34 -2.18
C TYR A 25 -1.60 6.71 -1.76
N MET A 26 -1.32 7.98 -1.52
CA MET A 26 0.05 8.34 -1.25
C MET A 26 0.51 7.78 0.10
N THR A 27 -0.42 7.41 0.99
CA THR A 27 -0.06 6.81 2.24
C THR A 27 0.36 5.37 1.99
N CYS A 28 -0.51 4.59 1.35
CA CYS A 28 -0.18 3.23 0.97
C CYS A 28 1.11 3.22 0.19
N ILE A 29 1.35 4.23 -0.66
CA ILE A 29 2.60 4.32 -1.37
C ILE A 29 3.72 4.39 -0.34
N GLY A 30 3.70 5.44 0.48
CA GLY A 30 4.73 5.71 1.47
C GLY A 30 5.04 4.52 2.39
N ILE A 31 4.10 3.58 2.55
CA ILE A 31 4.36 2.34 3.28
C ILE A 31 4.97 1.32 2.31
N THR A 32 4.23 0.96 1.27
CA THR A 32 4.62 -0.12 0.38
C THR A 32 5.99 0.13 -0.27
N THR A 33 6.18 1.31 -0.84
CA THR A 33 7.44 1.68 -1.47
C THR A 33 8.49 1.99 -0.41
N ASP A 34 8.19 1.92 0.88
CA ASP A 34 9.22 2.15 1.87
C ASP A 34 10.30 1.08 1.76
N PRO A 35 11.59 1.44 1.76
CA PRO A 35 12.64 0.47 1.71
C PRO A 35 12.48 -0.55 2.83
N GLU A 36 12.10 -0.14 4.03
CA GLU A 36 12.01 -1.01 5.16
C GLU A 36 10.60 -1.61 5.30
N CYS A 37 9.84 -1.74 4.21
CA CYS A 37 8.50 -2.34 4.20
C CYS A 37 8.50 -3.73 4.80
N GLY A 38 8.15 -3.84 6.08
CA GLY A 38 8.15 -5.09 6.83
C GLY A 38 9.55 -5.67 6.98
N LEU A 39 10.57 -4.80 6.93
CA LEU A 39 11.96 -5.17 7.08
C LEU A 39 12.30 -4.99 8.55
N PRO A 40 12.71 -6.04 9.28
CA PRO A 40 13.06 -5.95 10.69
C PRO A 40 14.40 -5.22 10.84
N ASP A 1 -11.71 -2.29 -5.64
CA ASP A 1 -13.06 -2.89 -5.63
C ASP A 1 -13.13 -3.99 -4.56
N PRO A 2 -12.62 -5.19 -4.84
CA PRO A 2 -12.21 -6.17 -3.83
C PRO A 2 -10.99 -5.60 -3.08
N MET A 3 -10.36 -6.38 -2.19
CA MET A 3 -9.12 -6.04 -1.45
C MET A 3 -9.19 -4.71 -0.67
N THR A 4 -8.95 -4.74 0.64
CA THR A 4 -8.96 -3.51 1.37
C THR A 4 -7.78 -2.62 0.99
N CYS A 5 -7.98 -1.32 1.15
CA CYS A 5 -6.88 -0.38 1.17
C CYS A 5 -5.77 -0.89 2.11
N GLU A 6 -6.14 -1.35 3.30
CA GLU A 6 -5.16 -1.98 4.20
C GLU A 6 -4.42 -3.09 3.47
N GLN A 7 -5.12 -4.12 2.98
CA GLN A 7 -4.49 -5.22 2.27
C GLN A 7 -3.45 -4.71 1.29
N ALA A 8 -3.85 -3.77 0.44
CA ALA A 8 -2.90 -3.24 -0.55
C ALA A 8 -1.62 -2.73 0.12
N MET A 9 -1.74 -2.00 1.24
CA MET A 9 -0.56 -1.56 1.96
C MET A 9 0.23 -2.72 2.56
N ALA A 10 -0.52 -3.57 3.25
CA ALA A 10 -0.06 -4.61 4.13
C ALA A 10 0.70 -5.67 3.35
N SER A 11 0.43 -5.75 2.05
CA SER A 11 1.12 -6.67 1.15
C SER A 11 2.45 -6.11 0.65
N CYS A 12 2.74 -4.82 0.87
CA CYS A 12 3.87 -4.08 0.30
C CYS A 12 3.66 -3.83 -1.19
N GLU A 13 2.46 -4.07 -1.71
CA GLU A 13 2.20 -4.04 -3.14
C GLU A 13 1.87 -2.63 -3.61
N HIS A 14 2.90 -1.80 -3.79
CA HIS A 14 2.70 -0.45 -4.27
C HIS A 14 1.89 -0.45 -5.55
N THR A 15 2.14 -1.42 -6.43
CA THR A 15 1.49 -1.41 -7.72
C THR A 15 -0.03 -1.58 -7.59
N MET A 16 -0.51 -2.07 -6.44
CA MET A 16 -1.92 -2.28 -6.14
C MET A 16 -2.51 -1.14 -5.33
N CYS A 17 -1.74 -0.10 -4.99
CA CYS A 17 -2.22 0.94 -4.10
C CYS A 17 -3.48 1.62 -4.61
N GLY A 18 -3.93 1.37 -5.84
CA GLY A 18 -5.16 1.91 -6.38
C GLY A 18 -6.41 1.49 -5.62
N TYR A 19 -6.32 0.43 -4.79
CA TYR A 19 -7.40 0.11 -3.85
C TYR A 19 -7.54 1.26 -2.84
N CYS A 20 -6.42 1.78 -2.35
CA CYS A 20 -6.37 3.03 -1.57
C CYS A 20 -6.50 4.18 -2.55
N GLN A 21 -7.00 5.35 -2.12
CA GLN A 21 -7.32 6.43 -3.04
C GLN A 21 -6.87 7.77 -2.44
N GLY A 22 -6.63 8.79 -3.28
CA GLY A 22 -6.13 10.09 -2.88
C GLY A 22 -5.05 10.03 -1.78
N PRO A 23 -5.27 10.62 -0.60
CA PRO A 23 -4.28 10.60 0.47
C PRO A 23 -3.92 9.17 0.85
N LEU A 24 -4.89 8.27 0.82
CA LEU A 24 -4.67 6.89 1.16
C LEU A 24 -3.85 6.19 0.08
N TYR A 25 -4.04 6.51 -1.21
CA TYR A 25 -3.12 6.05 -2.27
C TYR A 25 -1.72 6.47 -1.88
N MET A 26 -1.51 7.76 -1.66
CA MET A 26 -0.22 8.29 -1.31
C MET A 26 0.33 7.62 -0.05
N THR A 27 -0.52 7.34 0.93
CA THR A 27 -0.06 6.79 2.20
C THR A 27 0.35 5.35 1.99
N CYS A 28 -0.49 4.60 1.30
CA CYS A 28 -0.21 3.27 0.83
C CYS A 28 1.13 3.26 0.12
N ILE A 29 1.42 4.26 -0.72
CA ILE A 29 2.70 4.32 -1.38
C ILE A 29 3.80 4.42 -0.34
N GLY A 30 3.75 5.48 0.46
CA GLY A 30 4.68 5.74 1.54
C GLY A 30 4.97 4.50 2.40
N ILE A 31 4.00 3.60 2.54
CA ILE A 31 4.15 2.36 3.29
C ILE A 31 4.74 1.24 2.41
N THR A 32 4.14 0.95 1.27
CA THR A 32 4.54 -0.15 0.41
C THR A 32 5.95 0.05 -0.14
N THR A 33 6.22 1.26 -0.63
CA THR A 33 7.49 1.61 -1.22
C THR A 33 8.48 2.05 -0.12
N ASP A 34 8.09 1.96 1.16
CA ASP A 34 9.00 2.15 2.28
C ASP A 34 10.19 1.20 2.09
N PRO A 35 11.44 1.67 2.10
CA PRO A 35 12.60 0.80 1.98
C PRO A 35 12.62 -0.31 3.03
N GLU A 36 11.89 -0.16 4.13
CA GLU A 36 11.86 -1.10 5.22
C GLU A 36 10.62 -1.99 5.18
N CYS A 37 9.76 -1.89 4.15
CA CYS A 37 8.46 -2.55 4.08
C CYS A 37 8.55 -4.06 4.27
N GLY A 38 8.33 -4.53 5.49
CA GLY A 38 8.41 -5.94 5.84
C GLY A 38 9.77 -6.52 5.44
N LEU A 39 10.84 -5.72 5.50
CA LEU A 39 12.19 -6.19 5.21
C LEU A 39 12.87 -6.55 6.53
N PRO A 40 13.55 -7.69 6.64
CA PRO A 40 14.29 -8.05 7.84
C PRO A 40 15.71 -7.45 7.78
N ASP A 1 -6.13 -10.83 -6.22
CA ASP A 1 -7.48 -10.86 -5.65
C ASP A 1 -7.96 -9.43 -5.45
N PRO A 2 -9.28 -9.18 -5.43
CA PRO A 2 -9.81 -7.96 -4.84
C PRO A 2 -9.44 -7.97 -3.36
N MET A 3 -9.29 -6.80 -2.73
CA MET A 3 -8.72 -6.69 -1.40
C MET A 3 -9.18 -5.34 -0.82
N THR A 4 -8.72 -4.97 0.36
CA THR A 4 -8.90 -3.63 0.86
C THR A 4 -7.66 -2.78 0.57
N CYS A 5 -7.83 -1.47 0.62
CA CYS A 5 -6.72 -0.52 0.74
C CYS A 5 -5.68 -1.04 1.74
N GLU A 6 -6.16 -1.42 2.92
CA GLU A 6 -5.34 -2.02 3.95
C GLU A 6 -4.62 -3.24 3.38
N GLN A 7 -5.32 -4.23 2.84
CA GLN A 7 -4.64 -5.40 2.31
C GLN A 7 -3.55 -5.03 1.31
N ALA A 8 -3.79 -4.12 0.37
CA ALA A 8 -2.75 -3.72 -0.58
C ALA A 8 -1.51 -3.23 0.17
N MET A 9 -1.71 -2.27 1.07
CA MET A 9 -0.67 -1.63 1.86
C MET A 9 0.05 -2.60 2.76
N ALA A 10 -0.70 -3.42 3.46
CA ALA A 10 -0.26 -4.41 4.41
C ALA A 10 0.55 -5.45 3.66
N SER A 11 0.19 -5.70 2.40
CA SER A 11 0.95 -6.58 1.53
C SER A 11 2.10 -5.85 0.84
N CYS A 12 2.28 -4.54 1.08
CA CYS A 12 3.46 -3.85 0.61
C CYS A 12 3.42 -3.70 -0.92
N GLU A 13 2.21 -3.76 -1.47
CA GLU A 13 1.95 -3.84 -2.90
C GLU A 13 1.69 -2.44 -3.42
N HIS A 14 2.71 -1.73 -3.90
CA HIS A 14 2.51 -0.37 -4.40
C HIS A 14 1.65 -0.43 -5.66
N THR A 15 1.76 -1.48 -6.46
CA THR A 15 1.05 -1.48 -7.73
C THR A 15 -0.46 -1.50 -7.47
N MET A 16 -0.93 -2.27 -6.48
CA MET A 16 -2.33 -2.31 -6.10
C MET A 16 -2.65 -1.30 -5.01
N CYS A 17 -1.74 -0.37 -4.73
CA CYS A 17 -2.04 0.80 -3.91
C CYS A 17 -3.25 1.56 -4.47
N GLY A 18 -3.55 1.37 -5.77
CA GLY A 18 -4.79 1.77 -6.41
C GLY A 18 -6.07 1.38 -5.67
N TYR A 19 -6.05 0.39 -4.78
CA TYR A 19 -7.20 0.06 -3.95
C TYR A 19 -7.52 1.24 -3.01
N CYS A 20 -6.48 1.85 -2.44
CA CYS A 20 -6.61 3.04 -1.60
C CYS A 20 -6.88 4.24 -2.50
N GLN A 21 -6.97 5.45 -1.92
CA GLN A 21 -7.28 6.63 -2.69
C GLN A 21 -6.73 7.90 -2.04
N GLY A 22 -6.38 8.89 -2.86
CA GLY A 22 -5.92 10.21 -2.43
C GLY A 22 -4.87 10.13 -1.32
N PRO A 23 -5.14 10.63 -0.10
CA PRO A 23 -4.19 10.58 0.99
C PRO A 23 -3.79 9.14 1.27
N LEU A 24 -4.77 8.25 1.26
CA LEU A 24 -4.55 6.84 1.43
C LEU A 24 -3.77 6.23 0.27
N TYR A 25 -3.92 6.72 -0.96
CA TYR A 25 -3.07 6.29 -2.07
C TYR A 25 -1.64 6.70 -1.76
N MET A 26 -1.39 7.99 -1.55
CA MET A 26 -0.05 8.43 -1.22
C MET A 26 0.47 7.67 0.01
N THR A 27 -0.40 7.33 0.95
CA THR A 27 0.05 6.74 2.20
C THR A 27 0.46 5.31 1.89
N CYS A 28 -0.41 4.55 1.21
CA CYS A 28 -0.04 3.24 0.75
C CYS A 28 1.21 3.29 -0.08
N ILE A 29 1.45 4.33 -0.90
CA ILE A 29 2.67 4.41 -1.63
C ILE A 29 3.82 4.50 -0.64
N GLY A 30 3.79 5.55 0.17
CA GLY A 30 4.75 5.84 1.20
C GLY A 30 5.14 4.59 1.97
N ILE A 31 4.20 3.70 2.24
CA ILE A 31 4.47 2.45 2.94
C ILE A 31 5.07 1.43 1.95
N THR A 32 4.33 1.07 0.92
CA THR A 32 4.66 -0.07 0.05
C THR A 32 6.01 0.12 -0.63
N THR A 33 6.29 1.35 -1.07
CA THR A 33 7.51 1.68 -1.76
C THR A 33 8.65 1.88 -0.74
N ASP A 34 8.38 1.83 0.57
CA ASP A 34 9.43 2.06 1.55
C ASP A 34 10.35 0.84 1.64
N PRO A 35 11.68 0.98 1.60
CA PRO A 35 12.55 -0.12 1.96
C PRO A 35 12.14 -0.74 3.30
N GLU A 36 11.76 0.08 4.28
CA GLU A 36 11.50 -0.36 5.64
C GLU A 36 10.15 -1.08 5.82
N CYS A 37 9.46 -1.41 4.72
CA CYS A 37 8.11 -1.97 4.69
C CYS A 37 8.03 -3.39 5.30
N GLY A 38 8.15 -3.49 6.62
CA GLY A 38 8.27 -4.77 7.28
C GLY A 38 9.57 -5.45 6.85
N LEU A 39 10.68 -4.72 6.93
CA LEU A 39 12.00 -5.27 6.72
C LEU A 39 12.35 -6.29 7.81
N PRO A 40 12.80 -7.51 7.48
CA PRO A 40 13.18 -8.47 8.48
C PRO A 40 14.43 -8.01 9.23
N ASP A 1 -8.81 -9.89 -8.37
CA ASP A 1 -8.16 -10.15 -7.07
C ASP A 1 -8.52 -9.00 -6.13
N PRO A 2 -9.66 -9.08 -5.42
CA PRO A 2 -10.07 -8.03 -4.52
C PRO A 2 -9.18 -8.04 -3.28
N MET A 3 -9.12 -6.92 -2.60
CA MET A 3 -8.41 -6.71 -1.35
C MET A 3 -8.84 -5.33 -0.87
N THR A 4 -8.40 -4.91 0.31
CA THR A 4 -8.67 -3.57 0.79
C THR A 4 -7.47 -2.66 0.58
N CYS A 5 -7.69 -1.36 0.72
CA CYS A 5 -6.65 -0.37 0.84
C CYS A 5 -5.61 -0.82 1.85
N GLU A 6 -6.05 -1.28 3.02
CA GLU A 6 -5.14 -1.88 3.99
C GLU A 6 -4.39 -3.01 3.32
N GLN A 7 -5.09 -3.97 2.73
CA GLN A 7 -4.40 -5.12 2.15
C GLN A 7 -3.30 -4.68 1.18
N ALA A 8 -3.53 -3.65 0.37
CA ALA A 8 -2.46 -3.10 -0.46
C ALA A 8 -1.23 -2.75 0.40
N MET A 9 -1.45 -2.00 1.49
CA MET A 9 -0.38 -1.64 2.42
C MET A 9 0.30 -2.86 3.02
N ALA A 10 -0.51 -3.76 3.54
CA ALA A 10 -0.16 -4.97 4.26
C ALA A 10 0.61 -5.92 3.34
N SER A 11 0.31 -5.87 2.05
CA SER A 11 1.03 -6.63 1.05
C SER A 11 2.28 -5.86 0.60
N CYS A 12 2.35 -4.56 0.85
CA CYS A 12 3.41 -3.70 0.36
C CYS A 12 3.43 -3.74 -1.16
N GLU A 13 2.23 -3.86 -1.75
CA GLU A 13 2.04 -3.80 -3.17
C GLU A 13 1.59 -2.40 -3.55
N HIS A 14 2.56 -1.54 -3.80
CA HIS A 14 2.30 -0.24 -4.41
C HIS A 14 1.49 -0.44 -5.69
N THR A 15 1.72 -1.55 -6.39
CA THR A 15 1.06 -1.77 -7.66
C THR A 15 -0.46 -1.81 -7.48
N MET A 16 -0.95 -2.20 -6.29
CA MET A 16 -2.34 -2.26 -5.92
C MET A 16 -2.73 -1.13 -4.97
N CYS A 17 -1.94 -0.05 -4.91
CA CYS A 17 -2.33 1.12 -4.16
C CYS A 17 -3.67 1.68 -4.67
N GLY A 18 -4.12 1.26 -5.85
CA GLY A 18 -5.39 1.66 -6.41
C GLY A 18 -6.59 1.19 -5.58
N TYR A 19 -6.41 0.24 -4.66
CA TYR A 19 -7.43 -0.08 -3.67
C TYR A 19 -7.56 1.01 -2.60
N CYS A 20 -6.54 1.83 -2.42
CA CYS A 20 -6.59 3.11 -1.71
C CYS A 20 -6.93 4.20 -2.73
N GLN A 21 -7.00 5.45 -2.31
CA GLN A 21 -7.28 6.58 -3.20
C GLN A 21 -6.92 7.88 -2.50
N GLY A 22 -6.89 9.01 -3.21
CA GLY A 22 -6.58 10.32 -2.64
C GLY A 22 -5.34 10.24 -1.75
N PRO A 23 -5.34 10.86 -0.55
CA PRO A 23 -4.17 10.84 0.32
C PRO A 23 -3.86 9.42 0.80
N LEU A 24 -4.87 8.56 0.90
CA LEU A 24 -4.64 7.16 1.20
C LEU A 24 -3.77 6.49 0.13
N TYR A 25 -3.84 6.91 -1.13
CA TYR A 25 -3.00 6.34 -2.18
C TYR A 25 -1.56 6.70 -1.83
N MET A 26 -1.27 7.98 -1.64
CA MET A 26 0.08 8.37 -1.28
C MET A 26 0.52 7.71 0.03
N THR A 27 -0.43 7.44 0.93
CA THR A 27 -0.06 6.92 2.23
C THR A 27 0.34 5.46 2.03
N CYS A 28 -0.51 4.66 1.37
CA CYS A 28 -0.15 3.30 1.02
C CYS A 28 1.13 3.30 0.20
N ILE A 29 1.40 4.31 -0.63
CA ILE A 29 2.63 4.36 -1.36
C ILE A 29 3.79 4.42 -0.37
N GLY A 30 3.79 5.46 0.45
CA GLY A 30 4.77 5.68 1.49
C GLY A 30 5.13 4.40 2.24
N ILE A 31 4.11 3.60 2.54
CA ILE A 31 4.26 2.32 3.24
C ILE A 31 4.81 1.22 2.33
N THR A 32 4.17 0.97 1.19
CA THR A 32 4.51 -0.12 0.31
C THR A 32 5.92 0.05 -0.24
N THR A 33 6.17 1.24 -0.78
CA THR A 33 7.44 1.57 -1.37
C THR A 33 8.48 1.91 -0.29
N ASP A 34 8.13 1.79 1.00
CA ASP A 34 9.10 1.92 2.08
C ASP A 34 10.15 0.81 1.95
N PRO A 35 11.45 1.12 1.83
CA PRO A 35 12.47 0.09 1.86
C PRO A 35 12.38 -0.73 3.15
N GLU A 36 11.94 -0.15 4.26
CA GLU A 36 11.85 -0.79 5.55
C GLU A 36 10.70 -1.78 5.63
N CYS A 37 9.82 -1.83 4.62
CA CYS A 37 8.68 -2.71 4.62
C CYS A 37 9.10 -4.15 4.89
N GLY A 38 8.85 -4.60 6.11
CA GLY A 38 9.18 -5.93 6.58
C GLY A 38 10.64 -6.28 6.27
N LEU A 39 11.54 -5.30 6.39
CA LEU A 39 12.96 -5.46 6.16
C LEU A 39 13.64 -5.71 7.51
N PRO A 40 14.48 -6.75 7.66
CA PRO A 40 15.12 -7.07 8.92
C PRO A 40 16.55 -6.55 8.92
N ASP A 1 -14.99 -3.87 -5.47
CA ASP A 1 -13.56 -3.67 -5.73
C ASP A 1 -12.78 -4.55 -4.77
N PRO A 2 -12.16 -5.65 -5.25
CA PRO A 2 -11.67 -6.72 -4.39
C PRO A 2 -10.49 -6.24 -3.56
N MET A 3 -10.17 -6.93 -2.46
CA MET A 3 -9.10 -6.55 -1.56
C MET A 3 -9.39 -5.15 -1.03
N THR A 4 -8.48 -4.59 -0.25
CA THR A 4 -8.69 -3.36 0.48
C THR A 4 -7.45 -2.50 0.39
N CYS A 5 -7.62 -1.21 0.65
CA CYS A 5 -6.53 -0.28 0.86
C CYS A 5 -5.55 -0.82 1.89
N GLU A 6 -6.09 -1.32 3.01
CA GLU A 6 -5.29 -2.01 3.99
C GLU A 6 -4.49 -3.09 3.31
N GLN A 7 -5.14 -4.03 2.65
CA GLN A 7 -4.47 -5.19 2.11
C GLN A 7 -3.35 -4.78 1.15
N ALA A 8 -3.55 -3.78 0.28
CA ALA A 8 -2.46 -3.24 -0.53
C ALA A 8 -1.23 -2.92 0.33
N MET A 9 -1.45 -2.07 1.34
CA MET A 9 -0.43 -1.54 2.22
C MET A 9 0.23 -2.61 3.07
N ALA A 10 -0.61 -3.50 3.58
CA ALA A 10 -0.26 -4.62 4.40
C ALA A 10 0.60 -5.58 3.58
N SER A 11 0.34 -5.66 2.27
CA SER A 11 1.17 -6.44 1.36
C SER A 11 2.43 -5.66 0.94
N CYS A 12 2.46 -4.32 1.08
CA CYS A 12 3.51 -3.52 0.49
C CYS A 12 3.44 -3.56 -1.05
N GLU A 13 2.28 -3.95 -1.60
CA GLU A 13 2.09 -4.02 -3.02
C GLU A 13 1.72 -2.62 -3.52
N HIS A 14 2.71 -1.77 -3.77
CA HIS A 14 2.47 -0.46 -4.37
C HIS A 14 1.65 -0.64 -5.64
N THR A 15 1.91 -1.68 -6.40
CA THR A 15 1.24 -1.85 -7.66
C THR A 15 -0.25 -2.15 -7.47
N MET A 16 -0.71 -2.45 -6.26
CA MET A 16 -2.10 -2.62 -5.90
C MET A 16 -2.63 -1.48 -5.02
N CYS A 17 -1.83 -0.44 -4.77
CA CYS A 17 -2.23 0.73 -4.00
C CYS A 17 -3.50 1.36 -4.56
N GLY A 18 -3.93 1.00 -5.77
CA GLY A 18 -5.16 1.50 -6.33
C GLY A 18 -6.37 1.19 -5.46
N TYR A 19 -6.28 0.21 -4.55
CA TYR A 19 -7.36 -0.03 -3.61
C TYR A 19 -7.52 1.18 -2.67
N CYS A 20 -6.42 1.86 -2.34
CA CYS A 20 -6.39 3.10 -1.57
C CYS A 20 -6.59 4.28 -2.52
N GLN A 21 -7.07 5.41 -1.99
CA GLN A 21 -7.37 6.58 -2.80
C GLN A 21 -6.80 7.85 -2.18
N GLY A 22 -6.55 8.87 -3.00
CA GLY A 22 -6.23 10.22 -2.57
C GLY A 22 -5.12 10.23 -1.53
N PRO A 23 -5.41 10.65 -0.28
CA PRO A 23 -4.41 10.67 0.77
C PRO A 23 -3.91 9.26 1.00
N LEU A 24 -4.83 8.31 1.12
CA LEU A 24 -4.51 6.92 1.36
C LEU A 24 -3.73 6.31 0.21
N TYR A 25 -3.99 6.71 -1.04
CA TYR A 25 -3.14 6.27 -2.15
C TYR A 25 -1.70 6.68 -1.81
N MET A 26 -1.49 7.97 -1.53
CA MET A 26 -0.16 8.44 -1.23
C MET A 26 0.42 7.77 0.02
N THR A 27 -0.39 7.52 1.05
CA THR A 27 0.09 6.90 2.28
C THR A 27 0.48 5.45 2.04
N CYS A 28 -0.41 4.67 1.45
CA CYS A 28 -0.07 3.31 1.07
C CYS A 28 1.15 3.32 0.19
N ILE A 29 1.33 4.30 -0.71
CA ILE A 29 2.52 4.35 -1.51
C ILE A 29 3.71 4.50 -0.57
N GLY A 30 3.69 5.57 0.22
CA GLY A 30 4.76 5.91 1.12
C GLY A 30 5.13 4.80 2.10
N ILE A 31 4.25 3.82 2.34
CA ILE A 31 4.59 2.59 3.04
C ILE A 31 5.14 1.53 2.07
N THR A 32 4.35 1.16 1.06
CA THR A 32 4.65 0.05 0.17
C THR A 32 5.99 0.20 -0.51
N THR A 33 6.27 1.41 -0.98
CA THR A 33 7.48 1.72 -1.69
C THR A 33 8.62 2.00 -0.69
N ASP A 34 8.40 1.87 0.62
CA ASP A 34 9.40 2.24 1.60
C ASP A 34 10.27 1.04 1.95
N PRO A 35 11.58 1.23 2.21
CA PRO A 35 12.45 0.15 2.62
C PRO A 35 12.08 -0.47 3.98
N GLU A 36 11.03 -0.03 4.67
CA GLU A 36 10.47 -0.77 5.78
C GLU A 36 9.70 -2.00 5.32
N CYS A 37 9.30 -2.02 4.07
CA CYS A 37 8.68 -3.16 3.46
C CYS A 37 9.62 -4.36 3.50
N GLY A 38 9.25 -5.33 4.31
CA GLY A 38 9.78 -6.69 4.25
C GLY A 38 11.28 -6.71 4.55
N LEU A 39 11.73 -5.90 5.51
CA LEU A 39 13.15 -5.72 5.78
C LEU A 39 13.63 -6.88 6.65
N PRO A 40 14.75 -7.55 6.33
CA PRO A 40 15.24 -8.69 7.10
C PRO A 40 15.99 -8.23 8.34
N ASP A 1 -12.75 -2.72 -5.89
CA ASP A 1 -11.99 -3.83 -6.48
C ASP A 1 -11.88 -4.93 -5.45
N PRO A 2 -11.45 -6.16 -5.79
CA PRO A 2 -10.97 -7.10 -4.78
C PRO A 2 -9.93 -6.41 -3.90
N MET A 3 -9.76 -6.93 -2.67
CA MET A 3 -8.68 -6.58 -1.77
C MET A 3 -8.79 -5.12 -1.29
N THR A 4 -8.44 -4.89 -0.03
CA THR A 4 -8.64 -3.61 0.60
C THR A 4 -7.44 -2.70 0.39
N CYS A 5 -7.68 -1.42 0.60
CA CYS A 5 -6.67 -0.41 0.80
C CYS A 5 -5.63 -0.88 1.81
N GLU A 6 -6.11 -1.35 2.96
CA GLU A 6 -5.24 -1.90 3.97
C GLU A 6 -4.42 -3.03 3.37
N GLN A 7 -5.07 -3.99 2.73
CA GLN A 7 -4.35 -5.10 2.13
C GLN A 7 -3.26 -4.62 1.18
N ALA A 8 -3.53 -3.63 0.32
CA ALA A 8 -2.47 -3.07 -0.51
C ALA A 8 -1.27 -2.64 0.36
N MET A 9 -1.51 -1.88 1.43
CA MET A 9 -0.44 -1.49 2.33
C MET A 9 0.27 -2.71 2.90
N ALA A 10 -0.50 -3.53 3.60
CA ALA A 10 -0.12 -4.65 4.42
C ALA A 10 0.52 -5.75 3.59
N SER A 11 0.28 -5.74 2.29
CA SER A 11 0.92 -6.66 1.35
C SER A 11 2.26 -6.12 0.87
N CYS A 12 2.46 -4.80 0.99
CA CYS A 12 3.57 -4.07 0.41
C CYS A 12 3.39 -3.86 -1.09
N GLU A 13 2.18 -4.08 -1.64
CA GLU A 13 1.99 -4.14 -3.07
C GLU A 13 1.61 -2.74 -3.59
N HIS A 14 2.63 -1.90 -3.79
CA HIS A 14 2.45 -0.55 -4.31
C HIS A 14 1.66 -0.56 -5.61
N THR A 15 1.81 -1.59 -6.43
CA THR A 15 1.20 -1.54 -7.73
C THR A 15 -0.33 -1.57 -7.57
N MET A 16 -0.86 -2.24 -6.53
CA MET A 16 -2.26 -2.32 -6.19
C MET A 16 -2.66 -1.31 -5.12
N CYS A 17 -1.82 -0.30 -4.87
CA CYS A 17 -2.19 0.79 -3.98
C CYS A 17 -3.47 1.49 -4.45
N GLY A 18 -3.96 1.22 -5.66
CA GLY A 18 -5.22 1.73 -6.15
C GLY A 18 -6.42 1.26 -5.33
N TYR A 19 -6.25 0.26 -4.47
CA TYR A 19 -7.27 -0.08 -3.48
C TYR A 19 -7.45 1.08 -2.49
N CYS A 20 -6.38 1.81 -2.18
CA CYS A 20 -6.45 3.09 -1.48
C CYS A 20 -6.68 4.19 -2.52
N GLN A 21 -7.07 5.39 -2.07
CA GLN A 21 -7.31 6.54 -2.94
C GLN A 21 -6.76 7.82 -2.32
N GLY A 22 -6.51 8.84 -3.15
CA GLY A 22 -6.05 10.17 -2.77
C GLY A 22 -4.99 10.17 -1.66
N PRO A 23 -5.29 10.70 -0.47
CA PRO A 23 -4.34 10.74 0.63
C PRO A 23 -3.91 9.34 1.02
N LEU A 24 -4.86 8.40 1.06
CA LEU A 24 -4.59 7.03 1.41
C LEU A 24 -3.76 6.35 0.33
N TYR A 25 -3.99 6.66 -0.95
CA TYR A 25 -3.15 6.19 -2.03
C TYR A 25 -1.72 6.61 -1.73
N MET A 26 -1.51 7.90 -1.49
CA MET A 26 -0.19 8.39 -1.18
C MET A 26 0.38 7.70 0.06
N THR A 27 -0.46 7.43 1.07
CA THR A 27 0.02 6.89 2.32
C THR A 27 0.47 5.44 2.11
N CYS A 28 -0.40 4.63 1.53
CA CYS A 28 -0.06 3.27 1.16
C CYS A 28 1.14 3.28 0.24
N ILE A 29 1.31 4.28 -0.63
CA ILE A 29 2.49 4.30 -1.46
C ILE A 29 3.71 4.46 -0.58
N GLY A 30 3.70 5.51 0.24
CA GLY A 30 4.66 5.77 1.28
C GLY A 30 5.13 4.47 1.90
N ILE A 31 4.19 3.65 2.35
CA ILE A 31 4.49 2.37 2.99
C ILE A 31 5.12 1.42 1.97
N THR A 32 4.40 1.10 0.91
CA THR A 32 4.74 0.02 0.01
C THR A 32 6.01 0.28 -0.81
N THR A 33 6.37 1.54 -0.95
CA THR A 33 7.56 1.97 -1.64
C THR A 33 8.63 2.36 -0.63
N ASP A 34 8.39 2.13 0.67
CA ASP A 34 9.45 2.23 1.67
C ASP A 34 10.28 0.95 1.64
N PRO A 35 11.60 0.99 1.81
CA PRO A 35 12.39 -0.21 1.91
C PRO A 35 11.96 -1.00 3.14
N GLU A 36 11.78 -0.37 4.31
CA GLU A 36 11.56 -1.03 5.56
C GLU A 36 10.13 -1.57 5.73
N CYS A 37 9.36 -1.66 4.64
CA CYS A 37 7.95 -2.03 4.54
C CYS A 37 7.59 -3.32 5.28
N GLY A 38 7.54 -3.27 6.61
CA GLY A 38 7.60 -4.46 7.46
C GLY A 38 8.70 -5.40 6.99
N LEU A 39 9.84 -4.83 6.60
CA LEU A 39 11.02 -5.54 6.14
C LEU A 39 11.99 -5.70 7.32
N PRO A 40 12.38 -6.93 7.68
CA PRO A 40 13.32 -7.19 8.76
C PRO A 40 14.75 -7.16 8.22
N ASP A 1 -15.82 -5.21 -3.54
CA ASP A 1 -14.55 -4.61 -3.06
C ASP A 1 -13.52 -5.73 -2.91
N PRO A 2 -12.54 -5.83 -3.83
CA PRO A 2 -11.43 -6.79 -3.77
C PRO A 2 -10.54 -6.62 -2.54
N MET A 3 -9.29 -7.07 -2.65
CA MET A 3 -8.21 -6.78 -1.70
C MET A 3 -8.30 -5.35 -1.20
N THR A 4 -8.36 -5.16 0.11
CA THR A 4 -8.63 -3.86 0.69
C THR A 4 -7.42 -2.92 0.60
N CYS A 5 -7.70 -1.63 0.76
CA CYS A 5 -6.69 -0.59 0.86
C CYS A 5 -5.65 -0.93 1.94
N GLU A 6 -6.10 -1.45 3.08
CA GLU A 6 -5.17 -1.92 4.09
C GLU A 6 -4.29 -2.99 3.45
N GLN A 7 -4.89 -4.06 2.91
CA GLN A 7 -4.15 -5.16 2.34
C GLN A 7 -3.09 -4.68 1.35
N ALA A 8 -3.41 -3.71 0.49
CA ALA A 8 -2.39 -3.11 -0.38
C ALA A 8 -1.18 -2.66 0.44
N MET A 9 -1.39 -1.89 1.52
CA MET A 9 -0.30 -1.40 2.35
C MET A 9 0.42 -2.55 3.04
N ALA A 10 -0.35 -3.36 3.73
CA ALA A 10 0.10 -4.42 4.59
C ALA A 10 0.85 -5.47 3.77
N SER A 11 0.47 -5.60 2.49
CA SER A 11 1.10 -6.55 1.59
C SER A 11 2.29 -5.93 0.86
N CYS A 12 2.54 -4.63 1.00
CA CYS A 12 3.78 -4.04 0.52
C CYS A 12 3.88 -4.15 -1.00
N GLU A 13 2.77 -4.05 -1.71
CA GLU A 13 2.74 -4.04 -3.17
C GLU A 13 2.10 -2.74 -3.67
N HIS A 14 2.95 -1.73 -3.86
CA HIS A 14 2.57 -0.41 -4.36
C HIS A 14 1.69 -0.52 -5.60
N THR A 15 1.90 -1.56 -6.40
CA THR A 15 1.20 -1.72 -7.65
C THR A 15 -0.32 -1.66 -7.43
N MET A 16 -0.81 -2.25 -6.34
CA MET A 16 -2.23 -2.30 -6.04
C MET A 16 -2.68 -1.16 -5.14
N CYS A 17 -1.90 -0.09 -5.01
CA CYS A 17 -2.28 1.07 -4.23
C CYS A 17 -3.60 1.66 -4.70
N GLY A 18 -4.04 1.34 -5.91
CA GLY A 18 -5.33 1.73 -6.45
C GLY A 18 -6.50 1.32 -5.55
N TYR A 19 -6.32 0.38 -4.62
CA TYR A 19 -7.37 0.09 -3.65
C TYR A 19 -7.59 1.30 -2.76
N CYS A 20 -6.50 1.88 -2.27
CA CYS A 20 -6.55 3.13 -1.52
C CYS A 20 -6.81 4.27 -2.49
N GLN A 21 -7.17 5.44 -1.98
CA GLN A 21 -7.45 6.59 -2.83
C GLN A 21 -7.18 7.89 -2.09
N GLY A 22 -7.09 9.00 -2.80
CA GLY A 22 -6.89 10.30 -2.19
C GLY A 22 -5.60 10.28 -1.35
N PRO A 23 -5.59 10.76 -0.10
CA PRO A 23 -4.38 10.75 0.70
C PRO A 23 -3.89 9.32 0.88
N LEU A 24 -4.84 8.39 1.03
CA LEU A 24 -4.53 7.02 1.32
C LEU A 24 -3.74 6.38 0.17
N TYR A 25 -3.89 6.85 -1.07
CA TYR A 25 -3.02 6.42 -2.16
C TYR A 25 -1.58 6.81 -1.85
N MET A 26 -1.32 8.11 -1.65
CA MET A 26 0.04 8.54 -1.39
C MET A 26 0.58 7.89 -0.11
N THR A 27 -0.30 7.62 0.86
CA THR A 27 0.12 6.97 2.10
C THR A 27 0.53 5.54 1.80
N CYS A 28 -0.38 4.74 1.22
CA CYS A 28 -0.03 3.39 0.83
C CYS A 28 1.19 3.41 -0.05
N ILE A 29 1.43 4.41 -0.88
CA ILE A 29 2.65 4.47 -1.64
C ILE A 29 3.83 4.60 -0.68
N GLY A 30 3.84 5.70 0.07
CA GLY A 30 4.83 5.99 1.11
C GLY A 30 5.16 4.79 2.00
N ILE A 31 4.21 3.88 2.18
CA ILE A 31 4.43 2.63 2.91
C ILE A 31 5.00 1.58 1.95
N THR A 32 4.24 1.16 0.95
CA THR A 32 4.60 0.00 0.13
C THR A 32 5.93 0.19 -0.61
N THR A 33 6.24 1.42 -1.01
CA THR A 33 7.47 1.72 -1.71
C THR A 33 8.59 2.00 -0.70
N ASP A 34 8.33 1.86 0.61
CA ASP A 34 9.35 1.93 1.66
C ASP A 34 10.01 0.56 1.83
N PRO A 35 11.34 0.44 1.86
CA PRO A 35 12.01 -0.83 2.06
C PRO A 35 11.60 -1.53 3.37
N GLU A 36 11.20 -0.77 4.40
CA GLU A 36 10.88 -1.29 5.72
C GLU A 36 9.55 -2.02 5.76
N CYS A 37 8.70 -1.71 4.80
CA CYS A 37 7.40 -2.35 4.64
C CYS A 37 7.61 -3.82 4.39
N GLY A 38 7.35 -4.65 5.38
CA GLY A 38 7.47 -6.09 5.26
C GLY A 38 8.82 -6.44 4.67
N LEU A 39 9.88 -6.06 5.38
CA LEU A 39 11.24 -6.31 4.94
C LEU A 39 11.38 -7.84 4.94
N PRO A 40 11.69 -8.42 3.76
CA PRO A 40 11.42 -9.83 3.51
C PRO A 40 12.63 -10.69 3.86
N ASP A 1 -13.91 -5.26 -5.16
CA ASP A 1 -12.61 -4.76 -4.66
C ASP A 1 -11.77 -5.93 -4.15
N PRO A 2 -10.91 -6.51 -5.00
CA PRO A 2 -10.13 -7.67 -4.62
C PRO A 2 -9.00 -7.27 -3.67
N MET A 3 -9.35 -7.17 -2.39
CA MET A 3 -8.57 -6.74 -1.24
C MET A 3 -8.89 -5.27 -0.92
N THR A 4 -8.61 -4.87 0.32
CA THR A 4 -8.78 -3.52 0.80
C THR A 4 -7.53 -2.65 0.59
N CYS A 5 -7.71 -1.36 0.80
CA CYS A 5 -6.63 -0.41 0.99
C CYS A 5 -5.61 -0.94 2.00
N GLU A 6 -6.10 -1.41 3.15
CA GLU A 6 -5.27 -2.04 4.18
C GLU A 6 -4.46 -3.15 3.55
N GLN A 7 -5.14 -4.12 2.95
CA GLN A 7 -4.48 -5.25 2.32
C GLN A 7 -3.39 -4.76 1.36
N ALA A 8 -3.65 -3.74 0.54
CA ALA A 8 -2.63 -3.24 -0.38
C ALA A 8 -1.35 -2.87 0.39
N MET A 9 -1.48 -2.06 1.46
CA MET A 9 -0.35 -1.68 2.27
C MET A 9 0.34 -2.90 2.86
N ALA A 10 -0.50 -3.74 3.45
CA ALA A 10 -0.15 -4.92 4.20
C ALA A 10 0.56 -5.93 3.30
N SER A 11 0.26 -5.89 2.00
CA SER A 11 0.91 -6.71 0.98
C SER A 11 2.30 -6.17 0.61
N CYS A 12 2.61 -4.91 0.92
CA CYS A 12 3.77 -4.22 0.41
C CYS A 12 3.72 -4.24 -1.13
N GLU A 13 2.51 -4.13 -1.68
CA GLU A 13 2.23 -4.15 -3.10
C GLU A 13 1.86 -2.72 -3.49
N HIS A 14 2.86 -1.90 -3.82
CA HIS A 14 2.60 -0.49 -4.16
C HIS A 14 1.71 -0.39 -5.38
N THR A 15 1.89 -1.32 -6.31
CA THR A 15 1.31 -1.24 -7.62
C THR A 15 -0.20 -1.10 -7.49
N MET A 16 -0.79 -1.89 -6.60
CA MET A 16 -2.20 -2.01 -6.37
C MET A 16 -2.77 -0.95 -5.44
N CYS A 17 -2.01 0.11 -5.16
CA CYS A 17 -2.44 1.19 -4.29
C CYS A 17 -3.80 1.79 -4.70
N GLY A 18 -4.31 1.46 -5.88
CA GLY A 18 -5.66 1.79 -6.30
C GLY A 18 -6.75 1.32 -5.34
N TYR A 19 -6.49 0.32 -4.48
CA TYR A 19 -7.43 -0.06 -3.44
C TYR A 19 -7.61 1.09 -2.45
N CYS A 20 -6.52 1.79 -2.16
CA CYS A 20 -6.53 3.06 -1.44
C CYS A 20 -6.86 4.16 -2.44
N GLN A 21 -6.80 5.43 -2.04
CA GLN A 21 -7.18 6.52 -2.92
C GLN A 21 -6.76 7.85 -2.32
N GLY A 22 -6.70 8.92 -3.11
CA GLY A 22 -6.47 10.27 -2.63
C GLY A 22 -5.22 10.34 -1.75
N PRO A 23 -5.33 10.76 -0.48
CA PRO A 23 -4.20 10.76 0.44
C PRO A 23 -3.70 9.34 0.67
N LEU A 24 -4.64 8.42 0.88
CA LEU A 24 -4.37 7.05 1.22
C LEU A 24 -3.63 6.32 0.12
N TYR A 25 -3.85 6.66 -1.15
CA TYR A 25 -2.98 6.16 -2.21
C TYR A 25 -1.55 6.55 -1.88
N MET A 26 -1.31 7.83 -1.65
CA MET A 26 0.04 8.28 -1.43
C MET A 26 0.57 7.72 -0.10
N THR A 27 -0.31 7.41 0.86
CA THR A 27 0.13 6.82 2.12
C THR A 27 0.50 5.34 1.94
N CYS A 28 -0.39 4.53 1.36
CA CYS A 28 -0.03 3.18 0.96
C CYS A 28 1.21 3.20 0.09
N ILE A 29 1.37 4.16 -0.82
CA ILE A 29 2.57 4.21 -1.63
C ILE A 29 3.74 4.41 -0.70
N GLY A 30 3.73 5.48 0.07
CA GLY A 30 4.77 5.78 1.04
C GLY A 30 5.18 4.52 1.78
N ILE A 31 4.21 3.80 2.34
CA ILE A 31 4.44 2.60 3.10
C ILE A 31 5.11 1.56 2.20
N THR A 32 4.42 1.11 1.16
CA THR A 32 4.88 -0.02 0.36
C THR A 32 6.23 0.24 -0.30
N THR A 33 6.42 1.46 -0.79
CA THR A 33 7.63 1.89 -1.46
C THR A 33 8.67 2.35 -0.41
N ASP A 34 8.36 2.30 0.90
CA ASP A 34 9.38 2.45 1.93
C ASP A 34 10.15 1.12 1.99
N PRO A 35 11.49 1.14 1.97
CA PRO A 35 12.26 -0.09 2.12
C PRO A 35 11.86 -0.85 3.40
N GLU A 36 11.34 -0.18 4.43
CA GLU A 36 11.05 -0.81 5.69
C GLU A 36 9.83 -1.73 5.63
N CYS A 37 9.07 -1.69 4.54
CA CYS A 37 7.81 -2.41 4.44
C CYS A 37 8.02 -3.91 4.63
N GLY A 38 7.75 -4.40 5.84
CA GLY A 38 7.97 -5.78 6.23
C GLY A 38 9.45 -6.16 6.22
N LEU A 39 10.34 -5.20 6.45
CA LEU A 39 11.77 -5.40 6.69
C LEU A 39 12.09 -5.42 8.20
N PRO A 40 12.29 -6.58 8.82
CA PRO A 40 12.82 -6.69 10.17
C PRO A 40 14.34 -6.61 10.11
N ASP A 1 -14.50 -4.54 -6.50
CA ASP A 1 -13.22 -3.85 -6.27
C ASP A 1 -12.49 -4.62 -5.17
N PRO A 2 -11.67 -5.62 -5.51
CA PRO A 2 -11.14 -6.56 -4.54
C PRO A 2 -10.14 -5.84 -3.62
N MET A 3 -9.54 -6.59 -2.68
CA MET A 3 -8.41 -6.17 -1.86
C MET A 3 -8.64 -4.85 -1.13
N THR A 4 -8.80 -4.87 0.19
CA THR A 4 -8.94 -3.61 0.90
C THR A 4 -7.72 -2.69 0.74
N CYS A 5 -7.94 -1.39 0.94
CA CYS A 5 -6.86 -0.42 1.04
C CYS A 5 -5.84 -0.87 2.09
N GLU A 6 -6.30 -1.39 3.23
CA GLU A 6 -5.38 -1.97 4.21
C GLU A 6 -4.56 -3.05 3.52
N GLN A 7 -5.22 -4.05 2.94
CA GLN A 7 -4.53 -5.15 2.28
C GLN A 7 -3.43 -4.63 1.36
N ALA A 8 -3.71 -3.63 0.52
CA ALA A 8 -2.68 -3.10 -0.35
C ALA A 8 -1.43 -2.65 0.44
N MET A 9 -1.62 -1.93 1.55
CA MET A 9 -0.50 -1.54 2.41
C MET A 9 0.19 -2.77 2.99
N ALA A 10 -0.65 -3.63 3.55
CA ALA A 10 -0.31 -4.79 4.32
C ALA A 10 0.44 -5.80 3.47
N SER A 11 0.21 -5.77 2.17
CA SER A 11 0.92 -6.63 1.23
C SER A 11 2.25 -5.98 0.81
N CYS A 12 2.38 -4.66 0.98
CA CYS A 12 3.50 -3.88 0.52
C CYS A 12 3.67 -4.04 -0.98
N GLU A 13 2.54 -3.92 -1.70
CA GLU A 13 2.46 -3.93 -3.15
C GLU A 13 2.02 -2.54 -3.63
N HIS A 14 2.94 -1.62 -3.86
CA HIS A 14 2.63 -0.28 -4.33
C HIS A 14 1.79 -0.35 -5.59
N THR A 15 1.99 -1.39 -6.39
CA THR A 15 1.29 -1.52 -7.63
C THR A 15 -0.23 -1.57 -7.36
N MET A 16 -0.63 -2.29 -6.32
CA MET A 16 -2.02 -2.49 -5.94
C MET A 16 -2.56 -1.36 -5.08
N CYS A 17 -1.79 -0.28 -4.89
CA CYS A 17 -2.28 0.87 -4.14
C CYS A 17 -3.54 1.48 -4.76
N GLY A 18 -3.99 1.04 -5.93
CA GLY A 18 -5.24 1.48 -6.53
C GLY A 18 -6.43 1.24 -5.59
N TYR A 19 -6.35 0.23 -4.72
CA TYR A 19 -7.38 -0.01 -3.74
C TYR A 19 -7.44 1.05 -2.65
N CYS A 20 -6.48 1.97 -2.62
CA CYS A 20 -6.51 3.19 -1.83
C CYS A 20 -6.66 4.34 -2.83
N GLN A 21 -7.18 5.50 -2.42
CA GLN A 21 -7.32 6.64 -3.32
C GLN A 21 -7.12 7.94 -2.53
N GLY A 22 -6.86 9.05 -3.23
CA GLY A 22 -6.63 10.33 -2.59
C GLY A 22 -5.47 10.25 -1.61
N PRO A 23 -5.58 10.84 -0.41
CA PRO A 23 -4.58 10.75 0.64
C PRO A 23 -4.08 9.33 0.83
N LEU A 24 -5.01 8.38 0.84
CA LEU A 24 -4.71 7.01 1.14
C LEU A 24 -3.84 6.39 0.06
N TYR A 25 -3.95 6.83 -1.20
CA TYR A 25 -3.03 6.38 -2.24
C TYR A 25 -1.62 6.76 -1.83
N MET A 26 -1.38 8.04 -1.54
CA MET A 26 -0.04 8.47 -1.19
C MET A 26 0.42 7.79 0.09
N THR A 27 -0.50 7.50 1.01
CA THR A 27 -0.14 6.90 2.29
C THR A 27 0.30 5.46 2.03
N CYS A 28 -0.57 4.67 1.40
CA CYS A 28 -0.21 3.32 1.05
C CYS A 28 1.05 3.32 0.19
N ILE A 29 1.31 4.35 -0.63
CA ILE A 29 2.54 4.39 -1.38
C ILE A 29 3.70 4.47 -0.41
N GLY A 30 3.70 5.48 0.44
CA GLY A 30 4.69 5.68 1.49
C GLY A 30 5.05 4.36 2.17
N ILE A 31 4.03 3.57 2.49
CA ILE A 31 4.23 2.31 3.19
C ILE A 31 4.83 1.30 2.19
N THR A 32 4.13 1.02 1.10
CA THR A 32 4.48 -0.07 0.21
C THR A 32 5.80 0.12 -0.51
N THR A 33 6.21 1.37 -0.68
CA THR A 33 7.45 1.70 -1.34
C THR A 33 8.54 1.95 -0.29
N ASP A 34 8.22 1.78 1.01
CA ASP A 34 9.23 1.86 2.06
C ASP A 34 10.26 0.76 1.86
N PRO A 35 11.56 1.06 1.67
CA PRO A 35 12.56 0.02 1.55
C PRO A 35 12.57 -0.87 2.79
N GLU A 36 12.28 -0.32 3.96
CA GLU A 36 12.31 -1.02 5.22
C GLU A 36 11.09 -1.91 5.45
N CYS A 37 10.14 -1.93 4.52
CA CYS A 37 8.88 -2.65 4.70
C CYS A 37 9.11 -4.12 5.00
N GLY A 38 9.00 -4.49 6.28
CA GLY A 38 9.21 -5.83 6.78
C GLY A 38 10.53 -6.38 6.27
N LEU A 39 11.57 -5.56 6.24
CA LEU A 39 12.82 -5.95 5.62
C LEU A 39 13.55 -6.92 6.55
N PRO A 40 14.17 -8.01 6.06
CA PRO A 40 15.07 -8.82 6.86
C PRO A 40 16.41 -8.07 7.05
N ASP A 1 -11.91 -3.13 -7.16
CA ASP A 1 -12.87 -3.40 -6.07
C ASP A 1 -12.43 -4.29 -4.91
N PRO A 2 -11.97 -5.51 -5.17
CA PRO A 2 -11.56 -6.46 -4.16
C PRO A 2 -10.24 -6.00 -3.55
N MET A 3 -9.87 -6.56 -2.41
CA MET A 3 -8.72 -6.18 -1.62
C MET A 3 -8.91 -4.77 -1.03
N THR A 4 -8.63 -4.63 0.26
CA THR A 4 -8.72 -3.36 0.94
C THR A 4 -7.44 -2.56 0.80
N CYS A 5 -7.54 -1.26 1.06
CA CYS A 5 -6.40 -0.38 1.19
C CYS A 5 -5.40 -0.92 2.20
N GLU A 6 -5.89 -1.38 3.36
CA GLU A 6 -5.01 -1.98 4.35
C GLU A 6 -4.31 -3.15 3.70
N GLN A 7 -5.07 -4.07 3.13
CA GLN A 7 -4.48 -5.22 2.47
C GLN A 7 -3.37 -4.78 1.51
N ALA A 8 -3.59 -3.84 0.60
CA ALA A 8 -2.55 -3.46 -0.35
C ALA A 8 -1.26 -3.06 0.37
N MET A 9 -1.40 -2.19 1.36
CA MET A 9 -0.31 -1.65 2.16
C MET A 9 0.38 -2.73 2.99
N ALA A 10 -0.43 -3.63 3.55
CA ALA A 10 -0.03 -4.80 4.30
C ALA A 10 0.69 -5.79 3.37
N SER A 11 0.30 -5.80 2.10
CA SER A 11 0.90 -6.60 1.04
C SER A 11 2.11 -5.87 0.45
N CYS A 12 2.29 -4.57 0.73
CA CYS A 12 3.52 -3.85 0.39
C CYS A 12 3.69 -3.71 -1.12
N GLU A 13 2.62 -3.87 -1.89
CA GLU A 13 2.64 -3.75 -3.34
C GLU A 13 2.10 -2.37 -3.73
N HIS A 14 3.01 -1.44 -4.05
CA HIS A 14 2.63 -0.12 -4.54
C HIS A 14 1.77 -0.28 -5.78
N THR A 15 2.02 -1.32 -6.55
CA THR A 15 1.38 -1.55 -7.81
C THR A 15 -0.14 -1.68 -7.63
N MET A 16 -0.58 -2.08 -6.43
CA MET A 16 -1.97 -2.28 -6.07
C MET A 16 -2.45 -1.19 -5.12
N CYS A 17 -1.73 -0.08 -5.03
CA CYS A 17 -2.17 1.04 -4.21
C CYS A 17 -3.54 1.56 -4.64
N GLY A 18 -4.01 1.21 -5.84
CA GLY A 18 -5.32 1.63 -6.32
C GLY A 18 -6.46 1.13 -5.44
N TYR A 19 -6.25 0.12 -4.59
CA TYR A 19 -7.24 -0.24 -3.59
C TYR A 19 -7.41 0.90 -2.57
N CYS A 20 -6.32 1.57 -2.21
CA CYS A 20 -6.34 2.86 -1.52
C CYS A 20 -6.75 3.92 -2.54
N GLN A 21 -6.91 5.15 -2.10
CA GLN A 21 -7.29 6.25 -2.96
C GLN A 21 -6.98 7.55 -2.25
N GLY A 22 -7.25 8.69 -2.90
CA GLY A 22 -7.22 9.97 -2.24
C GLY A 22 -5.90 10.19 -1.50
N PRO A 23 -5.92 10.59 -0.22
CA PRO A 23 -4.70 10.70 0.56
C PRO A 23 -4.11 9.32 0.82
N LEU A 24 -4.96 8.32 1.05
CA LEU A 24 -4.52 6.98 1.35
C LEU A 24 -3.66 6.41 0.24
N TYR A 25 -3.89 6.77 -1.01
CA TYR A 25 -3.03 6.39 -2.12
C TYR A 25 -1.60 6.85 -1.82
N MET A 26 -1.41 8.13 -1.51
CA MET A 26 -0.07 8.60 -1.18
C MET A 26 0.50 7.84 0.01
N THR A 27 -0.35 7.52 1.00
CA THR A 27 0.14 6.89 2.20
C THR A 27 0.60 5.46 1.92
N CYS A 28 -0.26 4.66 1.29
CA CYS A 28 0.11 3.33 0.87
C CYS A 28 1.32 3.41 -0.03
N ILE A 29 1.45 4.44 -0.86
CA ILE A 29 2.62 4.54 -1.69
C ILE A 29 3.83 4.63 -0.78
N GLY A 30 3.92 5.68 0.03
CA GLY A 30 5.09 5.93 0.85
C GLY A 30 5.54 4.67 1.59
N ILE A 31 4.57 3.90 2.10
CA ILE A 31 4.83 2.65 2.81
C ILE A 31 5.31 1.56 1.84
N THR A 32 4.51 1.20 0.84
CA THR A 32 4.85 0.11 -0.05
C THR A 32 6.18 0.36 -0.76
N THR A 33 6.41 1.59 -1.19
CA THR A 33 7.61 2.01 -1.86
C THR A 33 8.77 2.18 -0.86
N ASP A 34 8.54 1.95 0.44
CA ASP A 34 9.56 1.94 1.50
C ASP A 34 10.05 0.50 1.73
N PRO A 35 11.34 0.30 2.06
CA PRO A 35 11.88 -1.01 2.38
C PRO A 35 11.35 -1.54 3.71
N GLU A 36 11.09 -0.65 4.66
CA GLU A 36 10.73 -1.00 6.02
C GLU A 36 9.29 -1.54 6.11
N CYS A 37 8.61 -1.67 4.97
CA CYS A 37 7.34 -2.35 4.84
C CYS A 37 7.50 -3.84 5.12
N GLY A 38 7.46 -4.19 6.40
CA GLY A 38 7.60 -5.56 6.87
C GLY A 38 9.01 -6.07 6.62
N LEU A 39 9.99 -5.51 7.32
CA LEU A 39 11.40 -5.83 7.14
C LEU A 39 11.86 -6.88 8.15
N PRO A 40 12.48 -7.99 7.74
CA PRO A 40 12.92 -9.07 8.60
C PRO A 40 14.42 -8.97 8.88
N ASP A 1 -8.96 -11.58 -4.96
CA ASP A 1 -10.15 -10.73 -4.73
C ASP A 1 -9.76 -9.26 -4.68
N PRO A 2 -10.67 -8.34 -5.03
CA PRO A 2 -10.39 -6.93 -4.89
C PRO A 2 -10.21 -6.62 -3.41
N MET A 3 -8.94 -6.54 -3.02
CA MET A 3 -8.47 -6.34 -1.67
C MET A 3 -8.94 -4.98 -1.13
N THR A 4 -8.69 -4.74 0.15
CA THR A 4 -8.93 -3.44 0.74
C THR A 4 -7.72 -2.53 0.57
N CYS A 5 -7.96 -1.23 0.74
CA CYS A 5 -6.88 -0.27 0.94
C CYS A 5 -5.88 -0.77 1.99
N GLU A 6 -6.35 -1.30 3.13
CA GLU A 6 -5.47 -1.94 4.10
C GLU A 6 -4.63 -3.00 3.41
N GLN A 7 -5.27 -4.00 2.81
CA GLN A 7 -4.58 -5.11 2.17
C GLN A 7 -3.46 -4.60 1.27
N ALA A 8 -3.73 -3.62 0.43
CA ALA A 8 -2.68 -3.08 -0.43
C ALA A 8 -1.47 -2.64 0.41
N MET A 9 -1.69 -1.89 1.50
CA MET A 9 -0.60 -1.50 2.38
C MET A 9 0.10 -2.70 2.99
N ALA A 10 -0.71 -3.55 3.59
CA ALA A 10 -0.29 -4.65 4.44
C ALA A 10 0.51 -5.65 3.61
N SER A 11 0.21 -5.74 2.31
CA SER A 11 0.96 -6.60 1.41
C SER A 11 2.25 -5.92 0.97
N CYS A 12 2.30 -4.59 1.04
CA CYS A 12 3.38 -3.77 0.55
C CYS A 12 3.51 -3.99 -0.95
N GLU A 13 2.36 -3.97 -1.62
CA GLU A 13 2.25 -3.93 -3.06
C GLU A 13 1.85 -2.52 -3.48
N HIS A 14 2.83 -1.72 -3.89
CA HIS A 14 2.55 -0.40 -4.41
C HIS A 14 1.76 -0.53 -5.71
N THR A 15 1.92 -1.62 -6.46
CA THR A 15 1.26 -1.65 -7.74
C THR A 15 -0.27 -1.72 -7.54
N MET A 16 -0.72 -2.29 -6.41
CA MET A 16 -2.11 -2.37 -6.02
C MET A 16 -2.50 -1.26 -5.05
N CYS A 17 -1.65 -0.26 -4.85
CA CYS A 17 -2.03 0.88 -4.04
C CYS A 17 -3.28 1.56 -4.61
N GLY A 18 -3.66 1.27 -5.85
CA GLY A 18 -4.93 1.66 -6.45
C GLY A 18 -6.14 1.36 -5.57
N TYR A 19 -6.09 0.31 -4.72
CA TYR A 19 -7.19 0.05 -3.80
C TYR A 19 -7.34 1.19 -2.79
N CYS A 20 -6.25 1.84 -2.39
CA CYS A 20 -6.31 3.08 -1.61
C CYS A 20 -6.48 4.24 -2.57
N GLN A 21 -7.18 5.29 -2.15
CA GLN A 21 -7.54 6.39 -3.03
C GLN A 21 -7.56 7.70 -2.25
N GLY A 22 -7.50 8.83 -2.96
CA GLY A 22 -7.26 10.12 -2.36
C GLY A 22 -5.86 10.07 -1.70
N PRO A 23 -5.66 10.73 -0.55
CA PRO A 23 -4.38 10.77 0.12
C PRO A 23 -3.93 9.38 0.56
N LEU A 24 -4.88 8.49 0.85
CA LEU A 24 -4.54 7.13 1.21
C LEU A 24 -3.73 6.43 0.13
N TYR A 25 -3.91 6.78 -1.15
CA TYR A 25 -3.00 6.29 -2.18
C TYR A 25 -1.58 6.66 -1.79
N MET A 26 -1.34 7.94 -1.56
CA MET A 26 -0.01 8.40 -1.24
C MET A 26 0.50 7.75 0.05
N THR A 27 -0.36 7.54 1.04
CA THR A 27 0.07 6.96 2.30
C THR A 27 0.46 5.50 2.09
N CYS A 28 -0.46 4.71 1.55
CA CYS A 28 -0.13 3.35 1.17
C CYS A 28 1.10 3.31 0.29
N ILE A 29 1.34 4.30 -0.57
CA ILE A 29 2.55 4.32 -1.35
C ILE A 29 3.73 4.39 -0.40
N GLY A 30 3.77 5.43 0.42
CA GLY A 30 4.80 5.62 1.43
C GLY A 30 5.13 4.30 2.13
N ILE A 31 4.10 3.58 2.57
CA ILE A 31 4.29 2.29 3.23
C ILE A 31 4.87 1.25 2.26
N THR A 32 4.16 0.98 1.17
CA THR A 32 4.51 -0.10 0.26
C THR A 32 5.91 0.08 -0.32
N THR A 33 6.18 1.28 -0.81
CA THR A 33 7.45 1.65 -1.40
C THR A 33 8.49 1.95 -0.31
N ASP A 34 8.16 1.80 0.98
CA ASP A 34 9.15 1.95 2.04
C ASP A 34 10.26 0.91 1.80
N PRO A 35 11.53 1.29 1.71
CA PRO A 35 12.61 0.32 1.60
C PRO A 35 12.59 -0.69 2.76
N GLU A 36 12.11 -0.28 3.92
CA GLU A 36 12.11 -1.06 5.14
C GLU A 36 11.01 -2.11 5.22
N CYS A 37 10.02 -2.05 4.35
CA CYS A 37 8.75 -2.77 4.56
C CYS A 37 8.90 -4.27 4.82
N GLY A 38 8.93 -4.66 6.09
CA GLY A 38 9.17 -6.03 6.52
C GLY A 38 10.47 -6.60 5.95
N LEU A 39 11.39 -5.72 5.58
CA LEU A 39 12.67 -6.07 4.97
C LEU A 39 13.54 -6.77 6.01
N PRO A 40 14.17 -7.91 5.70
CA PRO A 40 14.96 -8.63 6.67
C PRO A 40 16.36 -8.02 6.70
N ASP A 1 -11.02 -2.91 -6.71
CA ASP A 1 -12.34 -3.51 -6.44
C ASP A 1 -12.33 -4.34 -5.15
N PRO A 2 -12.01 -5.63 -5.18
CA PRO A 2 -11.71 -6.42 -4.00
C PRO A 2 -10.43 -5.88 -3.35
N MET A 3 -10.01 -6.47 -2.24
CA MET A 3 -8.76 -6.18 -1.53
C MET A 3 -8.77 -4.78 -0.94
N THR A 4 -8.63 -4.69 0.37
CA THR A 4 -8.67 -3.40 1.03
C THR A 4 -7.41 -2.59 0.75
N CYS A 5 -7.53 -1.28 0.91
CA CYS A 5 -6.42 -0.36 0.99
C CYS A 5 -5.42 -0.85 2.03
N GLU A 6 -5.89 -1.21 3.23
CA GLU A 6 -5.06 -1.86 4.24
C GLU A 6 -4.31 -3.02 3.59
N GLN A 7 -5.05 -3.97 3.00
CA GLN A 7 -4.42 -5.11 2.37
C GLN A 7 -3.34 -4.67 1.38
N ALA A 8 -3.55 -3.60 0.59
CA ALA A 8 -2.51 -3.09 -0.29
C ALA A 8 -1.23 -2.76 0.50
N MET A 9 -1.34 -1.95 1.56
CA MET A 9 -0.15 -1.65 2.34
C MET A 9 0.48 -2.90 2.90
N ALA A 10 -0.37 -3.72 3.51
CA ALA A 10 0.01 -4.92 4.21
C ALA A 10 0.62 -5.94 3.27
N SER A 11 0.25 -5.89 1.99
CA SER A 11 0.83 -6.76 0.97
C SER A 11 2.19 -6.24 0.52
N CYS A 12 2.44 -4.93 0.66
CA CYS A 12 3.61 -4.30 0.09
C CYS A 12 3.56 -4.31 -1.44
N GLU A 13 2.37 -4.09 -1.99
CA GLU A 13 2.17 -3.97 -3.42
C GLU A 13 1.79 -2.53 -3.73
N HIS A 14 2.78 -1.64 -3.93
CA HIS A 14 2.49 -0.29 -4.43
C HIS A 14 1.68 -0.38 -5.72
N THR A 15 1.92 -1.43 -6.47
CA THR A 15 1.28 -1.68 -7.73
C THR A 15 -0.25 -1.74 -7.53
N MET A 16 -0.69 -2.30 -6.40
CA MET A 16 -2.07 -2.46 -6.02
C MET A 16 -2.55 -1.33 -5.12
N CYS A 17 -1.79 -0.25 -5.04
CA CYS A 17 -2.20 0.90 -4.25
C CYS A 17 -3.51 1.52 -4.76
N GLY A 18 -4.03 1.04 -5.90
CA GLY A 18 -5.34 1.43 -6.40
C GLY A 18 -6.46 1.08 -5.42
N TYR A 19 -6.26 0.10 -4.53
CA TYR A 19 -7.23 -0.18 -3.49
C TYR A 19 -7.36 1.00 -2.53
N CYS A 20 -6.32 1.82 -2.40
CA CYS A 20 -6.36 3.09 -1.69
C CYS A 20 -6.74 4.18 -2.69
N GLN A 21 -7.07 5.38 -2.20
CA GLN A 21 -7.43 6.50 -3.08
C GLN A 21 -7.19 7.82 -2.37
N GLY A 22 -7.00 8.89 -3.13
CA GLY A 22 -6.73 10.24 -2.64
C GLY A 22 -5.57 10.22 -1.65
N PRO A 23 -5.74 10.73 -0.42
CA PRO A 23 -4.65 10.79 0.54
C PRO A 23 -4.10 9.39 0.81
N LEU A 24 -5.02 8.43 0.92
CA LEU A 24 -4.64 7.07 1.23
C LEU A 24 -3.78 6.47 0.13
N TYR A 25 -3.96 6.87 -1.14
CA TYR A 25 -3.06 6.42 -2.19
C TYR A 25 -1.63 6.75 -1.77
N MET A 26 -1.33 8.03 -1.56
CA MET A 26 0.01 8.44 -1.25
C MET A 26 0.49 7.79 0.04
N THR A 27 -0.39 7.57 1.02
CA THR A 27 0.02 6.96 2.28
C THR A 27 0.41 5.51 2.05
N CYS A 28 -0.47 4.75 1.39
CA CYS A 28 -0.13 3.41 0.97
C CYS A 28 1.17 3.41 0.19
N ILE A 29 1.40 4.39 -0.68
CA ILE A 29 2.62 4.41 -1.44
C ILE A 29 3.80 4.52 -0.48
N GLY A 30 3.78 5.55 0.34
CA GLY A 30 4.78 5.83 1.36
C GLY A 30 5.18 4.60 2.16
N ILE A 31 4.25 3.66 2.39
CA ILE A 31 4.53 2.41 3.06
C ILE A 31 5.06 1.38 2.05
N THR A 32 4.27 1.07 1.03
CA THR A 32 4.60 0.00 0.11
C THR A 32 5.93 0.19 -0.60
N THR A 33 6.31 1.43 -0.86
CA THR A 33 7.55 1.77 -1.53
C THR A 33 8.63 2.11 -0.50
N ASP A 34 8.38 1.88 0.79
CA ASP A 34 9.38 2.10 1.85
C ASP A 34 10.31 0.90 2.02
N PRO A 35 11.59 1.12 2.35
CA PRO A 35 12.57 0.06 2.49
C PRO A 35 12.23 -0.87 3.66
N GLU A 36 11.56 -0.39 4.69
CA GLU A 36 11.14 -1.16 5.84
C GLU A 36 9.75 -1.80 5.61
N CYS A 37 9.28 -1.84 4.36
CA CYS A 37 7.97 -2.38 4.03
C CYS A 37 7.91 -3.88 4.32
N GLY A 38 7.31 -4.27 5.44
CA GLY A 38 7.20 -5.66 5.83
C GLY A 38 8.60 -6.26 5.92
N LEU A 39 9.47 -5.62 6.70
CA LEU A 39 10.87 -6.00 6.83
C LEU A 39 10.89 -7.38 7.50
N PRO A 40 11.61 -8.37 6.95
CA PRO A 40 11.33 -9.76 7.24
C PRO A 40 11.96 -10.17 8.57
N ASP A 1 -14.38 -2.82 -6.14
CA ASP A 1 -12.98 -3.20 -6.30
C ASP A 1 -12.61 -4.11 -5.14
N PRO A 2 -12.18 -5.36 -5.39
CA PRO A 2 -11.84 -6.31 -4.35
C PRO A 2 -10.54 -5.86 -3.69
N MET A 3 -10.20 -6.44 -2.55
CA MET A 3 -8.96 -6.17 -1.84
C MET A 3 -8.98 -4.76 -1.24
N THR A 4 -8.55 -4.66 0.01
CA THR A 4 -8.64 -3.45 0.78
C THR A 4 -7.42 -2.57 0.61
N CYS A 5 -7.64 -1.29 0.88
CA CYS A 5 -6.59 -0.32 1.08
C CYS A 5 -5.55 -0.88 2.04
N GLU A 6 -5.99 -1.44 3.18
CA GLU A 6 -5.07 -2.11 4.09
C GLU A 6 -4.31 -3.20 3.34
N GLN A 7 -4.99 -4.17 2.73
CA GLN A 7 -4.30 -5.25 2.03
C GLN A 7 -3.18 -4.71 1.12
N ALA A 8 -3.46 -3.65 0.35
CA ALA A 8 -2.41 -3.03 -0.45
C ALA A 8 -1.17 -2.72 0.40
N MET A 9 -1.36 -2.00 1.51
CA MET A 9 -0.27 -1.62 2.39
C MET A 9 0.42 -2.84 2.99
N ALA A 10 -0.39 -3.71 3.57
CA ALA A 10 0.02 -4.84 4.36
C ALA A 10 0.80 -5.82 3.52
N SER A 11 0.57 -5.81 2.22
CA SER A 11 1.25 -6.69 1.28
C SER A 11 2.47 -6.01 0.63
N CYS A 12 2.75 -4.74 0.90
CA CYS A 12 3.84 -4.02 0.23
C CYS A 12 3.57 -3.96 -1.28
N GLU A 13 2.30 -4.09 -1.68
CA GLU A 13 1.90 -4.11 -3.06
C GLU A 13 1.62 -2.67 -3.48
N HIS A 14 2.68 -1.85 -3.55
CA HIS A 14 2.51 -0.44 -3.88
C HIS A 14 1.75 -0.25 -5.17
N THR A 15 2.02 -1.13 -6.13
CA THR A 15 1.44 -1.01 -7.43
C THR A 15 -0.09 -1.07 -7.30
N MET A 16 -0.61 -1.84 -6.33
CA MET A 16 -2.01 -2.04 -6.03
C MET A 16 -2.58 -0.99 -5.08
N CYS A 17 -1.90 0.12 -4.78
CA CYS A 17 -2.43 1.14 -3.92
C CYS A 17 -3.73 1.75 -4.46
N GLY A 18 -4.16 1.39 -5.67
CA GLY A 18 -5.47 1.80 -6.18
C GLY A 18 -6.62 1.28 -5.33
N TYR A 19 -6.41 0.29 -4.45
CA TYR A 19 -7.42 -0.11 -3.49
C TYR A 19 -7.63 0.98 -2.43
N CYS A 20 -6.61 1.77 -2.15
CA CYS A 20 -6.75 3.03 -1.43
C CYS A 20 -7.32 4.06 -2.41
N GLN A 21 -7.27 5.35 -2.10
CA GLN A 21 -7.48 6.42 -3.08
C GLN A 21 -7.06 7.73 -2.45
N GLY A 22 -7.10 8.82 -3.22
CA GLY A 22 -6.78 10.14 -2.73
C GLY A 22 -5.48 10.14 -1.94
N PRO A 23 -5.46 10.65 -0.70
CA PRO A 23 -4.25 10.70 0.10
C PRO A 23 -3.82 9.28 0.46
N LEU A 24 -4.77 8.39 0.70
CA LEU A 24 -4.50 7.02 1.07
C LEU A 24 -3.77 6.28 -0.03
N TYR A 25 -3.95 6.62 -1.31
CA TYR A 25 -3.11 6.09 -2.38
C TYR A 25 -1.67 6.42 -2.02
N MET A 26 -1.38 7.69 -1.88
CA MET A 26 -0.03 8.14 -1.63
C MET A 26 0.50 7.66 -0.28
N THR A 27 -0.35 7.47 0.71
CA THR A 27 0.08 6.98 2.01
C THR A 27 0.39 5.49 1.92
N CYS A 28 -0.52 4.71 1.34
CA CYS A 28 -0.21 3.34 0.94
C CYS A 28 1.11 3.32 0.19
N ILE A 29 1.33 4.24 -0.75
CA ILE A 29 2.56 4.25 -1.50
C ILE A 29 3.73 4.41 -0.54
N GLY A 30 3.74 5.50 0.23
CA GLY A 30 4.80 5.80 1.17
C GLY A 30 5.17 4.56 1.96
N ILE A 31 4.16 3.88 2.53
CA ILE A 31 4.38 2.67 3.31
C ILE A 31 4.96 1.56 2.40
N THR A 32 4.23 1.15 1.37
CA THR A 32 4.58 -0.01 0.57
C THR A 32 5.94 0.11 -0.12
N THR A 33 6.26 1.32 -0.56
CA THR A 33 7.49 1.63 -1.25
C THR A 33 8.61 1.86 -0.23
N ASP A 34 8.29 1.89 1.07
CA ASP A 34 9.31 2.09 2.10
C ASP A 34 10.29 0.89 2.07
N PRO A 35 11.61 1.11 2.07
CA PRO A 35 12.58 0.03 2.12
C PRO A 35 12.39 -0.94 3.30
N GLU A 36 11.72 -0.48 4.36
CA GLU A 36 11.36 -1.23 5.55
C GLU A 36 10.22 -2.22 5.31
N CYS A 37 9.42 -1.93 4.30
CA CYS A 37 8.16 -2.62 4.08
C CYS A 37 8.43 -4.08 3.81
N GLY A 38 8.13 -4.92 4.79
CA GLY A 38 8.25 -6.35 4.70
C GLY A 38 9.71 -6.77 4.82
N LEU A 39 10.49 -6.05 5.62
CA LEU A 39 11.84 -6.44 5.95
C LEU A 39 11.74 -7.76 6.74
N PRO A 40 12.49 -8.80 6.35
CA PRO A 40 12.20 -10.18 6.76
C PRO A 40 12.44 -10.43 8.24
N ASP A 1 -14.26 -5.37 -3.32
CA ASP A 1 -13.22 -5.04 -4.30
C ASP A 1 -12.14 -6.11 -4.14
N PRO A 2 -11.28 -6.34 -5.13
CA PRO A 2 -10.14 -7.21 -4.95
C PRO A 2 -9.32 -6.61 -3.81
N MET A 3 -9.23 -7.31 -2.67
CA MET A 3 -8.52 -6.82 -1.49
C MET A 3 -9.14 -5.49 -1.00
N THR A 4 -8.46 -4.81 -0.07
CA THR A 4 -8.85 -3.51 0.44
C THR A 4 -7.66 -2.57 0.30
N CYS A 5 -7.88 -1.28 0.57
CA CYS A 5 -6.78 -0.34 0.72
C CYS A 5 -5.79 -0.88 1.76
N GLU A 6 -6.34 -1.36 2.88
CA GLU A 6 -5.52 -1.94 3.93
C GLU A 6 -4.73 -3.09 3.35
N GLN A 7 -5.40 -4.06 2.74
CA GLN A 7 -4.68 -5.24 2.26
C GLN A 7 -3.56 -4.82 1.31
N ALA A 8 -3.80 -3.91 0.37
CA ALA A 8 -2.73 -3.44 -0.52
C ALA A 8 -1.50 -3.03 0.27
N MET A 9 -1.71 -2.16 1.25
CA MET A 9 -0.67 -1.59 2.09
C MET A 9 0.01 -2.63 2.96
N ALA A 10 -0.80 -3.43 3.62
CA ALA A 10 -0.45 -4.50 4.51
C ALA A 10 0.30 -5.58 3.74
N SER A 11 0.00 -5.71 2.45
CA SER A 11 0.72 -6.58 1.52
C SER A 11 1.95 -5.89 0.94
N CYS A 12 2.20 -4.62 1.26
CA CYS A 12 3.39 -3.94 0.75
C CYS A 12 3.28 -3.78 -0.77
N GLU A 13 2.07 -3.87 -1.33
CA GLU A 13 1.86 -4.02 -2.75
C GLU A 13 1.64 -2.64 -3.36
N HIS A 14 2.72 -1.88 -3.57
CA HIS A 14 2.63 -0.54 -4.12
C HIS A 14 1.91 -0.56 -5.46
N THR A 15 2.08 -1.63 -6.23
CA THR A 15 1.48 -1.63 -7.54
C THR A 15 -0.05 -1.63 -7.41
N MET A 16 -0.59 -2.27 -6.37
CA MET A 16 -2.00 -2.38 -6.11
C MET A 16 -2.46 -1.36 -5.08
N CYS A 17 -1.62 -0.39 -4.74
CA CYS A 17 -2.04 0.74 -3.92
C CYS A 17 -3.22 1.46 -4.53
N GLY A 18 -3.58 1.19 -5.79
CA GLY A 18 -4.72 1.79 -6.45
C GLY A 18 -6.03 1.57 -5.69
N TYR A 19 -6.12 0.53 -4.86
CA TYR A 19 -7.30 0.32 -4.04
C TYR A 19 -7.42 1.40 -2.96
N CYS A 20 -6.29 1.96 -2.50
CA CYS A 20 -6.25 3.17 -1.69
C CYS A 20 -6.34 4.35 -2.66
N GLN A 21 -6.94 5.44 -2.23
CA GLN A 21 -7.33 6.52 -3.12
C GLN A 21 -7.58 7.75 -2.26
N GLY A 22 -7.48 8.94 -2.85
CA GLY A 22 -7.34 10.13 -2.04
C GLY A 22 -5.97 10.07 -1.36
N PRO A 23 -5.75 10.77 -0.23
CA PRO A 23 -4.45 10.80 0.42
C PRO A 23 -3.94 9.40 0.74
N LEU A 24 -4.86 8.46 1.00
CA LEU A 24 -4.52 7.10 1.30
C LEU A 24 -3.68 6.44 0.21
N TYR A 25 -3.86 6.83 -1.06
CA TYR A 25 -2.98 6.32 -2.10
C TYR A 25 -1.55 6.71 -1.74
N MET A 26 -1.29 7.99 -1.53
CA MET A 26 0.05 8.44 -1.21
C MET A 26 0.52 7.80 0.11
N THR A 27 -0.38 7.57 1.07
CA THR A 27 0.04 7.03 2.36
C THR A 27 0.47 5.58 2.18
N CYS A 28 -0.41 4.76 1.60
CA CYS A 28 -0.08 3.39 1.29
C CYS A 28 1.16 3.35 0.42
N ILE A 29 1.37 4.31 -0.48
CA ILE A 29 2.54 4.29 -1.31
C ILE A 29 3.77 4.44 -0.44
N GLY A 30 3.80 5.47 0.40
CA GLY A 30 4.89 5.69 1.33
C GLY A 30 5.31 4.36 1.97
N ILE A 31 4.34 3.63 2.51
CA ILE A 31 4.57 2.35 3.16
C ILE A 31 5.12 1.33 2.16
N THR A 32 4.36 1.06 1.10
CA THR A 32 4.61 -0.07 0.23
C THR A 32 5.91 0.10 -0.58
N THR A 33 6.23 1.34 -0.94
CA THR A 33 7.47 1.68 -1.62
C THR A 33 8.59 1.93 -0.61
N ASP A 34 8.34 1.77 0.70
CA ASP A 34 9.39 1.95 1.69
C ASP A 34 10.43 0.86 1.49
N PRO A 35 11.73 1.15 1.49
CA PRO A 35 12.74 0.11 1.50
C PRO A 35 12.50 -0.84 2.68
N GLU A 36 12.21 -0.29 3.86
CA GLU A 36 12.05 -1.01 5.10
C GLU A 36 10.61 -1.50 5.32
N CYS A 37 9.93 -1.86 4.23
CA CYS A 37 8.53 -2.26 4.24
C CYS A 37 8.30 -3.56 5.03
N GLY A 38 8.15 -3.47 6.36
CA GLY A 38 8.06 -4.64 7.22
C GLY A 38 9.29 -5.52 7.03
N LEU A 39 10.47 -4.90 7.03
CA LEU A 39 11.71 -5.54 6.62
C LEU A 39 12.02 -6.70 7.58
N PRO A 40 12.28 -7.92 7.09
CA PRO A 40 12.20 -9.10 7.93
C PRO A 40 13.42 -9.20 8.84
N ASP A 1 -6.64 -10.07 -7.03
CA ASP A 1 -7.82 -10.51 -6.26
C ASP A 1 -8.32 -9.31 -5.47
N PRO A 2 -9.62 -9.23 -5.14
CA PRO A 2 -10.13 -8.12 -4.38
C PRO A 2 -9.42 -8.08 -3.04
N MET A 3 -9.33 -6.90 -2.45
CA MET A 3 -8.58 -6.69 -1.24
C MET A 3 -9.05 -5.35 -0.67
N THR A 4 -8.65 -5.02 0.56
CA THR A 4 -8.89 -3.71 1.13
C THR A 4 -7.73 -2.76 0.80
N CYS A 5 -7.95 -1.45 0.94
CA CYS A 5 -6.83 -0.51 0.90
C CYS A 5 -5.77 -0.91 1.92
N GLU A 6 -6.24 -1.30 3.10
CA GLU A 6 -5.46 -2.03 4.09
C GLU A 6 -4.64 -3.12 3.43
N GLN A 7 -5.28 -4.11 2.80
CA GLN A 7 -4.54 -5.21 2.20
C GLN A 7 -3.48 -4.72 1.22
N ALA A 8 -3.79 -3.78 0.33
CA ALA A 8 -2.79 -3.26 -0.62
C ALA A 8 -1.48 -2.91 0.11
N MET A 9 -1.61 -2.15 1.19
CA MET A 9 -0.52 -1.70 2.03
C MET A 9 0.12 -2.83 2.81
N ALA A 10 -0.71 -3.65 3.43
CA ALA A 10 -0.31 -4.75 4.28
C ALA A 10 0.45 -5.77 3.44
N SER A 11 0.09 -5.88 2.16
CA SER A 11 0.77 -6.73 1.21
C SER A 11 2.05 -6.06 0.72
N CYS A 12 2.20 -4.74 0.91
CA CYS A 12 3.39 -4.01 0.46
C CYS A 12 3.43 -3.90 -1.07
N GLU A 13 2.29 -4.14 -1.72
CA GLU A 13 2.17 -4.09 -3.16
C GLU A 13 1.78 -2.67 -3.55
N HIS A 14 2.77 -1.78 -3.67
CA HIS A 14 2.54 -0.39 -4.10
C HIS A 14 1.71 -0.36 -5.37
N THR A 15 1.98 -1.34 -6.22
CA THR A 15 1.38 -1.49 -7.50
C THR A 15 -0.15 -1.50 -7.32
N MET A 16 -0.64 -2.22 -6.32
CA MET A 16 -2.03 -2.38 -6.01
C MET A 16 -2.52 -1.29 -5.05
N CYS A 17 -1.82 -0.16 -4.94
CA CYS A 17 -2.33 0.99 -4.23
C CYS A 17 -3.62 1.51 -4.85
N GLY A 18 -4.03 1.01 -6.02
CA GLY A 18 -5.27 1.41 -6.66
C GLY A 18 -6.51 1.14 -5.81
N TYR A 19 -6.42 0.27 -4.79
CA TYR A 19 -7.51 0.06 -3.85
C TYR A 19 -7.61 1.23 -2.84
N CYS A 20 -6.54 2.01 -2.68
CA CYS A 20 -6.50 3.23 -1.88
C CYS A 20 -6.64 4.41 -2.85
N GLN A 21 -6.92 5.62 -2.35
CA GLN A 21 -7.07 6.81 -3.18
C GLN A 21 -6.61 8.07 -2.43
N GLY A 22 -6.17 9.08 -3.15
CA GLY A 22 -5.71 10.37 -2.65
C GLY A 22 -4.75 10.26 -1.48
N PRO A 23 -5.12 10.72 -0.28
CA PRO A 23 -4.24 10.71 0.87
C PRO A 23 -3.82 9.28 1.16
N LEU A 24 -4.79 8.37 1.06
CA LEU A 24 -4.58 6.98 1.33
C LEU A 24 -3.71 6.37 0.25
N TYR A 25 -3.95 6.66 -1.04
CA TYR A 25 -3.05 6.21 -2.08
C TYR A 25 -1.62 6.61 -1.72
N MET A 26 -1.44 7.87 -1.38
CA MET A 26 -0.12 8.35 -1.03
C MET A 26 0.42 7.63 0.21
N THR A 27 -0.46 7.22 1.12
CA THR A 27 -0.05 6.58 2.34
C THR A 27 0.37 5.14 2.08
N CYS A 28 -0.51 4.35 1.44
CA CYS A 28 -0.12 3.03 0.99
C CYS A 28 1.12 3.13 0.16
N ILE A 29 1.30 4.16 -0.68
CA ILE A 29 2.51 4.27 -1.46
C ILE A 29 3.69 4.41 -0.51
N GLY A 30 3.68 5.46 0.30
CA GLY A 30 4.71 5.75 1.27
C GLY A 30 5.19 4.46 1.94
N ILE A 31 4.23 3.69 2.47
CA ILE A 31 4.52 2.47 3.19
C ILE A 31 5.10 1.42 2.23
N THR A 32 4.36 1.06 1.18
CA THR A 32 4.75 -0.04 0.30
C THR A 32 6.12 0.20 -0.33
N THR A 33 6.32 1.43 -0.82
CA THR A 33 7.54 1.86 -1.46
C THR A 33 8.57 2.26 -0.39
N ASP A 34 8.29 2.09 0.90
CA ASP A 34 9.29 2.28 1.95
C ASP A 34 10.31 1.14 1.80
N PRO A 35 11.61 1.43 1.73
CA PRO A 35 12.60 0.37 1.69
C PRO A 35 12.41 -0.62 2.86
N GLU A 36 11.99 -0.11 4.02
CA GLU A 36 11.81 -0.85 5.25
C GLU A 36 10.42 -1.49 5.38
N CYS A 37 9.64 -1.55 4.31
CA CYS A 37 8.21 -1.93 4.32
C CYS A 37 7.91 -3.24 5.08
N GLY A 38 7.72 -3.17 6.39
CA GLY A 38 7.67 -4.36 7.22
C GLY A 38 8.91 -5.22 6.99
N LEU A 39 10.09 -4.62 7.06
CA LEU A 39 11.36 -5.33 6.90
C LEU A 39 11.52 -6.33 8.06
N PRO A 40 12.05 -7.54 7.82
CA PRO A 40 12.35 -8.47 8.89
C PRO A 40 13.50 -7.94 9.75
N ASP A 1 -14.83 -4.00 -5.56
CA ASP A 1 -13.39 -4.27 -5.64
C ASP A 1 -12.98 -5.17 -4.48
N PRO A 2 -12.16 -6.20 -4.73
CA PRO A 2 -11.56 -6.98 -3.66
C PRO A 2 -10.49 -6.12 -2.99
N MET A 3 -9.81 -6.68 -1.99
CA MET A 3 -8.59 -6.16 -1.40
C MET A 3 -8.77 -4.78 -0.79
N THR A 4 -8.77 -4.73 0.53
CA THR A 4 -8.81 -3.47 1.22
C THR A 4 -7.56 -2.65 0.92
N CYS A 5 -7.66 -1.34 1.12
CA CYS A 5 -6.50 -0.46 1.14
C CYS A 5 -5.49 -1.00 2.14
N GLU A 6 -5.96 -1.44 3.31
CA GLU A 6 -5.18 -2.20 4.28
C GLU A 6 -4.47 -3.34 3.57
N GLN A 7 -5.18 -4.26 2.94
CA GLN A 7 -4.53 -5.41 2.32
C GLN A 7 -3.44 -4.96 1.33
N ALA A 8 -3.74 -4.06 0.41
CA ALA A 8 -2.76 -3.63 -0.59
C ALA A 8 -1.47 -3.14 0.11
N MET A 9 -1.66 -2.26 1.07
CA MET A 9 -0.61 -1.65 1.87
C MET A 9 0.15 -2.69 2.68
N ALA A 10 -0.59 -3.57 3.31
CA ALA A 10 -0.10 -4.64 4.15
C ALA A 10 0.72 -5.60 3.31
N SER A 11 0.32 -5.78 2.05
CA SER A 11 1.10 -6.56 1.10
C SER A 11 2.34 -5.78 0.66
N CYS A 12 2.34 -4.45 0.82
CA CYS A 12 3.38 -3.60 0.25
C CYS A 12 3.31 -3.67 -1.27
N GLU A 13 2.09 -3.82 -1.79
CA GLU A 13 1.79 -3.78 -3.22
C GLU A 13 1.57 -2.34 -3.62
N HIS A 14 2.63 -1.59 -3.96
CA HIS A 14 2.45 -0.27 -4.54
C HIS A 14 1.68 -0.42 -5.84
N THR A 15 1.87 -1.54 -6.52
CA THR A 15 1.28 -1.78 -7.81
C THR A 15 -0.25 -1.77 -7.69
N MET A 16 -0.80 -2.39 -6.65
CA MET A 16 -2.22 -2.36 -6.34
C MET A 16 -2.57 -1.25 -5.37
N CYS A 17 -1.71 -0.24 -5.23
CA CYS A 17 -1.97 0.82 -4.28
C CYS A 17 -3.31 1.50 -4.54
N GLY A 18 -3.79 1.45 -5.78
CA GLY A 18 -5.00 2.12 -6.18
C GLY A 18 -6.27 1.42 -5.70
N TYR A 19 -6.20 0.52 -4.72
CA TYR A 19 -7.35 0.16 -3.91
C TYR A 19 -7.55 1.27 -2.85
N CYS A 20 -6.45 1.83 -2.36
CA CYS A 20 -6.43 3.08 -1.61
C CYS A 20 -6.65 4.22 -2.61
N GLN A 21 -7.30 5.31 -2.21
CA GLN A 21 -7.54 6.46 -3.05
C GLN A 21 -7.12 7.75 -2.32
N GLY A 22 -7.25 8.90 -2.97
CA GLY A 22 -7.02 10.21 -2.37
C GLY A 22 -5.69 10.26 -1.62
N PRO A 23 -5.61 10.86 -0.43
CA PRO A 23 -4.37 10.84 0.36
C PRO A 23 -3.98 9.42 0.72
N LEU A 24 -4.95 8.51 0.94
CA LEU A 24 -4.65 7.14 1.25
C LEU A 24 -3.79 6.47 0.18
N TYR A 25 -3.94 6.85 -1.09
CA TYR A 25 -3.14 6.31 -2.19
C TYR A 25 -1.68 6.57 -1.80
N MET A 26 -1.30 7.84 -1.68
CA MET A 26 0.07 8.18 -1.38
C MET A 26 0.50 7.67 -0.01
N THR A 27 -0.42 7.50 0.95
CA THR A 27 -0.05 6.92 2.23
C THR A 27 0.43 5.49 1.98
N CYS A 28 -0.44 4.69 1.34
CA CYS A 28 -0.08 3.36 0.92
C CYS A 28 1.23 3.36 0.16
N ILE A 29 1.48 4.36 -0.69
CA ILE A 29 2.72 4.40 -1.42
C ILE A 29 3.88 4.44 -0.44
N GLY A 30 3.93 5.48 0.38
CA GLY A 30 5.01 5.67 1.34
C GLY A 30 5.17 4.54 2.36
N ILE A 31 4.25 3.57 2.43
CA ILE A 31 4.49 2.27 3.04
C ILE A 31 5.10 1.30 2.03
N THR A 32 4.34 1.00 0.98
CA THR A 32 4.63 -0.08 0.07
C THR A 32 5.99 0.07 -0.60
N THR A 33 6.29 1.28 -1.05
CA THR A 33 7.53 1.60 -1.71
C THR A 33 8.62 1.92 -0.67
N ASP A 34 8.36 1.78 0.63
CA ASP A 34 9.39 2.04 1.65
C ASP A 34 10.32 0.83 1.82
N PRO A 35 11.58 1.04 2.21
CA PRO A 35 12.56 -0.03 2.36
C PRO A 35 12.39 -0.77 3.68
N GLU A 36 11.77 -0.14 4.68
CA GLU A 36 11.56 -0.69 6.00
C GLU A 36 10.49 -1.77 6.00
N CYS A 37 9.65 -1.76 4.99
CA CYS A 37 8.48 -2.62 4.82
C CYS A 37 8.84 -4.08 5.10
N GLY A 38 8.55 -4.53 6.32
CA GLY A 38 8.87 -5.87 6.78
C GLY A 38 10.33 -6.21 6.49
N LEU A 39 11.23 -5.30 6.82
CA LEU A 39 12.64 -5.62 6.94
C LEU A 39 12.73 -6.63 8.09
N PRO A 40 13.39 -7.79 7.91
CA PRO A 40 13.43 -8.81 8.92
C PRO A 40 14.16 -8.29 10.16
N ASP A 1 -15.88 -3.30 -5.57
CA ASP A 1 -14.42 -3.17 -5.70
C ASP A 1 -13.78 -4.04 -4.64
N PRO A 2 -12.89 -4.99 -5.00
CA PRO A 2 -12.40 -5.96 -4.06
C PRO A 2 -11.23 -5.40 -3.27
N MET A 3 -10.87 -6.06 -2.17
CA MET A 3 -9.62 -5.84 -1.46
C MET A 3 -9.53 -4.46 -0.79
N THR A 4 -8.99 -4.44 0.42
CA THR A 4 -8.86 -3.22 1.17
C THR A 4 -7.57 -2.48 0.82
N CYS A 5 -7.57 -1.18 1.07
CA CYS A 5 -6.37 -0.38 1.11
C CYS A 5 -5.36 -1.00 2.05
N GLU A 6 -5.84 -1.36 3.25
CA GLU A 6 -5.10 -2.17 4.21
C GLU A 6 -4.48 -3.35 3.50
N GLN A 7 -5.27 -4.18 2.85
CA GLN A 7 -4.73 -5.33 2.16
C GLN A 7 -3.59 -4.95 1.23
N ALA A 8 -3.79 -3.96 0.35
CA ALA A 8 -2.73 -3.56 -0.58
C ALA A 8 -1.45 -3.15 0.17
N MET A 9 -1.59 -2.26 1.14
CA MET A 9 -0.50 -1.74 1.94
C MET A 9 0.18 -2.82 2.75
N ALA A 10 -0.61 -3.73 3.28
CA ALA A 10 -0.21 -4.81 4.13
C ALA A 10 0.68 -5.78 3.36
N SER A 11 0.45 -5.90 2.05
CA SER A 11 1.35 -6.65 1.18
C SER A 11 2.55 -5.81 0.77
N CYS A 12 2.48 -4.48 0.86
CA CYS A 12 3.51 -3.62 0.31
C CYS A 12 3.53 -3.72 -1.22
N GLU A 13 2.37 -4.01 -1.82
CA GLU A 13 2.20 -4.10 -3.26
C GLU A 13 1.88 -2.71 -3.83
N HIS A 14 2.90 -1.85 -3.94
CA HIS A 14 2.71 -0.46 -4.31
C HIS A 14 1.83 -0.27 -5.54
N THR A 15 2.05 -1.08 -6.56
CA THR A 15 1.35 -0.90 -7.81
C THR A 15 -0.16 -1.03 -7.57
N MET A 16 -0.56 -1.87 -6.63
CA MET A 16 -1.93 -2.20 -6.32
C MET A 16 -2.59 -1.14 -5.45
N CYS A 17 -1.88 -0.10 -5.01
CA CYS A 17 -2.41 0.88 -4.10
C CYS A 17 -3.67 1.58 -4.62
N GLY A 18 -4.13 1.31 -5.85
CA GLY A 18 -5.41 1.79 -6.33
C GLY A 18 -6.59 1.34 -5.47
N TYR A 19 -6.45 0.28 -4.67
CA TYR A 19 -7.48 -0.07 -3.69
C TYR A 19 -7.60 1.04 -2.64
N CYS A 20 -6.50 1.72 -2.36
CA CYS A 20 -6.48 2.96 -1.61
C CYS A 20 -6.81 4.10 -2.57
N GLN A 21 -7.19 5.27 -2.08
CA GLN A 21 -7.34 6.44 -2.93
C GLN A 21 -6.81 7.70 -2.25
N GLY A 22 -6.54 8.72 -3.05
CA GLY A 22 -5.97 10.01 -2.67
C GLY A 22 -4.96 9.92 -1.53
N PRO A 23 -5.31 10.41 -0.32
CA PRO A 23 -4.39 10.44 0.80
C PRO A 23 -3.94 9.02 1.15
N LEU A 24 -4.87 8.07 1.09
CA LEU A 24 -4.58 6.68 1.31
C LEU A 24 -3.77 6.09 0.16
N TYR A 25 -3.98 6.51 -1.10
CA TYR A 25 -3.09 6.07 -2.19
C TYR A 25 -1.68 6.47 -1.84
N MET A 26 -1.46 7.76 -1.59
CA MET A 26 -0.17 8.28 -1.23
C MET A 26 0.40 7.57 -0.01
N THR A 27 -0.44 7.29 1.00
CA THR A 27 0.04 6.69 2.21
C THR A 27 0.47 5.25 1.93
N CYS A 28 -0.40 4.47 1.30
CA CYS A 28 -0.07 3.15 0.84
C CYS A 28 1.21 3.20 0.03
N ILE A 29 1.38 4.19 -0.83
CA ILE A 29 2.59 4.28 -1.61
C ILE A 29 3.78 4.43 -0.70
N GLY A 30 3.77 5.48 0.11
CA GLY A 30 4.79 5.76 1.10
C GLY A 30 5.24 4.46 1.75
N ILE A 31 4.30 3.70 2.28
CA ILE A 31 4.61 2.46 2.97
C ILE A 31 5.20 1.44 1.99
N THR A 32 4.43 1.07 0.97
CA THR A 32 4.75 -0.04 0.10
C THR A 32 6.10 0.14 -0.57
N THR A 33 6.33 1.36 -1.07
CA THR A 33 7.54 1.67 -1.78
C THR A 33 8.70 1.86 -0.79
N ASP A 34 8.47 1.88 0.54
CA ASP A 34 9.59 2.13 1.46
C ASP A 34 10.31 0.84 1.81
N PRO A 35 11.64 0.87 1.98
CA PRO A 35 12.42 -0.31 2.35
C PRO A 35 12.21 -0.68 3.83
N GLU A 36 11.56 0.19 4.61
CA GLU A 36 11.32 -0.05 6.01
C GLU A 36 10.24 -1.10 6.21
N CYS A 37 9.37 -1.19 5.23
CA CYS A 37 8.27 -2.13 5.12
C CYS A 37 8.76 -3.55 5.40
N GLY A 38 8.53 -4.04 6.62
CA GLY A 38 8.85 -5.40 6.98
C GLY A 38 10.21 -5.53 7.67
N LEU A 39 10.99 -4.46 7.68
CA LEU A 39 12.16 -4.32 8.53
C LEU A 39 11.64 -4.29 9.97
N PRO A 40 12.23 -5.07 10.90
CA PRO A 40 11.74 -5.18 12.26
C PRO A 40 11.90 -3.86 13.02
N ASP A 1 -9.69 -11.39 -7.04
CA ASP A 1 -8.72 -10.85 -6.07
C ASP A 1 -9.11 -9.41 -5.72
N PRO A 2 -10.20 -9.20 -4.97
CA PRO A 2 -10.41 -7.95 -4.31
C PRO A 2 -9.43 -7.88 -3.15
N MET A 3 -9.23 -6.68 -2.63
CA MET A 3 -8.55 -6.46 -1.38
C MET A 3 -8.91 -5.03 -0.98
N THR A 4 -8.71 -4.67 0.28
CA THR A 4 -8.90 -3.30 0.69
C THR A 4 -7.65 -2.48 0.44
N CYS A 5 -7.78 -1.18 0.66
CA CYS A 5 -6.64 -0.32 0.85
C CYS A 5 -5.71 -0.86 1.94
N GLU A 6 -6.29 -1.29 3.07
CA GLU A 6 -5.53 -1.91 4.17
C GLU A 6 -4.69 -3.04 3.61
N GLN A 7 -5.35 -4.01 2.96
CA GLN A 7 -4.68 -5.14 2.34
C GLN A 7 -3.53 -4.67 1.46
N ALA A 8 -3.79 -3.71 0.57
CA ALA A 8 -2.76 -3.23 -0.34
C ALA A 8 -1.49 -2.83 0.43
N MET A 9 -1.64 -2.02 1.49
CA MET A 9 -0.49 -1.63 2.28
C MET A 9 0.14 -2.86 2.93
N ALA A 10 -0.72 -3.65 3.56
CA ALA A 10 -0.32 -4.73 4.44
C ALA A 10 0.43 -5.78 3.64
N SER A 11 0.13 -5.86 2.34
CA SER A 11 0.71 -6.83 1.43
C SER A 11 1.99 -6.29 0.77
N CYS A 12 2.38 -5.03 1.02
CA CYS A 12 3.56 -4.40 0.43
C CYS A 12 3.53 -4.34 -1.10
N GLU A 13 2.36 -4.05 -1.67
CA GLU A 13 2.21 -3.94 -3.11
C GLU A 13 1.76 -2.53 -3.46
N HIS A 14 2.73 -1.63 -3.62
CA HIS A 14 2.50 -0.31 -4.21
C HIS A 14 1.79 -0.47 -5.54
N THR A 15 2.04 -1.60 -6.20
CA THR A 15 1.45 -1.88 -7.47
C THR A 15 -0.06 -1.82 -7.35
N MET A 16 -0.61 -2.39 -6.28
CA MET A 16 -2.02 -2.47 -6.00
C MET A 16 -2.46 -1.34 -5.06
N CYS A 17 -1.68 -0.27 -4.94
CA CYS A 17 -2.12 0.90 -4.18
C CYS A 17 -3.43 1.46 -4.74
N GLY A 18 -3.81 1.08 -5.96
CA GLY A 18 -5.03 1.54 -6.59
C GLY A 18 -6.29 1.28 -5.77
N TYR A 19 -6.27 0.28 -4.87
CA TYR A 19 -7.39 0.07 -3.96
C TYR A 19 -7.53 1.28 -3.03
N CYS A 20 -6.42 1.86 -2.61
CA CYS A 20 -6.40 3.10 -1.84
C CYS A 20 -6.66 4.28 -2.80
N GLN A 21 -6.90 5.47 -2.26
CA GLN A 21 -7.19 6.65 -3.06
C GLN A 21 -6.72 7.90 -2.31
N GLY A 22 -6.47 8.99 -3.05
CA GLY A 22 -6.00 10.27 -2.53
C GLY A 22 -5.02 10.13 -1.35
N PRO A 23 -5.40 10.54 -0.14
CA PRO A 23 -4.49 10.52 1.00
C PRO A 23 -4.08 9.10 1.32
N LEU A 24 -5.01 8.16 1.16
CA LEU A 24 -4.73 6.76 1.36
C LEU A 24 -3.83 6.21 0.25
N TYR A 25 -3.98 6.68 -1.00
CA TYR A 25 -3.08 6.28 -2.07
C TYR A 25 -1.67 6.70 -1.69
N MET A 26 -1.50 7.99 -1.38
CA MET A 26 -0.21 8.47 -0.99
C MET A 26 0.29 7.71 0.24
N THR A 27 -0.59 7.40 1.18
CA THR A 27 -0.17 6.75 2.41
C THR A 27 0.32 5.34 2.11
N CYS A 28 -0.50 4.55 1.41
CA CYS A 28 -0.08 3.22 1.01
C CYS A 28 1.19 3.29 0.21
N ILE A 29 1.39 4.31 -0.64
CA ILE A 29 2.59 4.37 -1.43
C ILE A 29 3.78 4.52 -0.49
N GLY A 30 3.64 5.53 0.37
CA GLY A 30 4.59 5.89 1.40
C GLY A 30 5.13 4.66 2.12
N ILE A 31 4.27 3.67 2.37
CA ILE A 31 4.66 2.42 3.01
C ILE A 31 5.25 1.49 1.96
N THR A 32 4.47 1.14 0.94
CA THR A 32 4.79 0.00 0.09
C THR A 32 6.01 0.22 -0.79
N THR A 33 6.34 1.47 -1.07
CA THR A 33 7.57 1.79 -1.80
C THR A 33 8.74 1.99 -0.84
N ASP A 34 8.50 2.09 0.48
CA ASP A 34 9.58 2.36 1.43
C ASP A 34 10.46 1.11 1.54
N PRO A 35 11.77 1.23 1.80
CA PRO A 35 12.66 0.08 1.91
C PRO A 35 12.35 -0.71 3.19
N GLU A 36 11.70 -0.06 4.16
CA GLU A 36 11.32 -0.61 5.44
C GLU A 36 10.15 -1.59 5.37
N CYS A 37 9.47 -1.62 4.23
CA CYS A 37 8.12 -2.14 4.08
C CYS A 37 7.91 -3.53 4.68
N GLY A 38 7.52 -3.57 5.94
CA GLY A 38 7.40 -4.80 6.70
C GLY A 38 8.66 -5.65 6.59
N LEU A 39 9.82 -5.02 6.75
CA LEU A 39 11.11 -5.67 6.60
C LEU A 39 11.23 -6.72 7.72
N PRO A 40 11.63 -7.96 7.41
CA PRO A 40 11.55 -9.06 8.36
C PRO A 40 12.70 -9.00 9.36
N ASP A 1 -14.67 -5.44 -6.79
CA ASP A 1 -13.48 -4.66 -6.43
C ASP A 1 -12.65 -5.48 -5.44
N PRO A 2 -11.57 -6.13 -5.88
CA PRO A 2 -10.88 -7.09 -5.06
C PRO A 2 -10.07 -6.37 -3.99
N MET A 3 -9.66 -7.12 -2.97
CA MET A 3 -8.75 -6.63 -1.93
C MET A 3 -9.38 -5.45 -1.20
N THR A 4 -8.54 -4.76 -0.41
CA THR A 4 -8.82 -3.57 0.35
C THR A 4 -7.58 -2.68 0.26
N CYS A 5 -7.74 -1.40 0.56
CA CYS A 5 -6.63 -0.47 0.68
C CYS A 5 -5.68 -0.94 1.78
N GLU A 6 -6.27 -1.37 2.88
CA GLU A 6 -5.53 -1.98 3.97
C GLU A 6 -4.69 -3.13 3.42
N GLN A 7 -5.29 -4.07 2.70
CA GLN A 7 -4.55 -5.16 2.08
C GLN A 7 -3.42 -4.61 1.22
N ALA A 8 -3.65 -3.66 0.30
CA ALA A 8 -2.55 -3.11 -0.51
C ALA A 8 -1.33 -2.76 0.36
N MET A 9 -1.60 -2.02 1.43
CA MET A 9 -0.59 -1.47 2.32
C MET A 9 0.07 -2.56 3.16
N ALA A 10 -0.77 -3.39 3.77
CA ALA A 10 -0.43 -4.50 4.63
C ALA A 10 0.34 -5.55 3.84
N SER A 11 0.06 -5.67 2.55
CA SER A 11 0.74 -6.53 1.62
C SER A 11 1.97 -5.81 1.07
N CYS A 12 2.02 -4.48 1.15
CA CYS A 12 3.22 -3.72 0.88
C CYS A 12 3.55 -3.77 -0.61
N GLU A 13 2.52 -3.83 -1.46
CA GLU A 13 2.64 -3.84 -2.92
C GLU A 13 2.12 -2.50 -3.45
N HIS A 14 3.01 -1.58 -3.78
CA HIS A 14 2.63 -0.26 -4.28
C HIS A 14 1.77 -0.41 -5.52
N THR A 15 2.00 -1.46 -6.28
CA THR A 15 1.29 -1.70 -7.51
C THR A 15 -0.22 -1.76 -7.24
N MET A 16 -0.61 -2.38 -6.13
CA MET A 16 -1.99 -2.55 -5.76
C MET A 16 -2.49 -1.41 -4.88
N CYS A 17 -1.74 -0.31 -4.75
CA CYS A 17 -2.22 0.88 -4.09
C CYS A 17 -3.49 1.42 -4.72
N GLY A 18 -3.87 0.94 -5.91
CA GLY A 18 -5.10 1.34 -6.58
C GLY A 18 -6.33 1.21 -5.68
N TYR A 19 -6.33 0.26 -4.73
CA TYR A 19 -7.43 0.10 -3.80
C TYR A 19 -7.54 1.34 -2.90
N CYS A 20 -6.41 1.93 -2.56
CA CYS A 20 -6.33 3.18 -1.81
C CYS A 20 -6.53 4.34 -2.76
N GLN A 21 -7.05 5.46 -2.25
CA GLN A 21 -7.35 6.64 -3.05
C GLN A 21 -7.06 7.89 -2.22
N GLY A 22 -7.16 9.07 -2.82
CA GLY A 22 -6.99 10.37 -2.18
C GLY A 22 -5.72 10.37 -1.32
N PRO A 23 -5.81 10.69 -0.02
CA PRO A 23 -4.65 10.64 0.86
C PRO A 23 -4.11 9.23 0.97
N LEU A 24 -5.01 8.26 1.10
CA LEU A 24 -4.65 6.88 1.36
C LEU A 24 -3.78 6.32 0.25
N TYR A 25 -3.97 6.76 -1.00
CA TYR A 25 -3.07 6.39 -2.08
C TYR A 25 -1.65 6.77 -1.68
N MET A 26 -1.39 8.03 -1.40
CA MET A 26 -0.05 8.44 -1.10
C MET A 26 0.45 7.80 0.20
N THR A 27 -0.43 7.55 1.17
CA THR A 27 -0.02 6.82 2.37
C THR A 27 0.47 5.44 1.99
N CYS A 28 -0.40 4.65 1.35
CA CYS A 28 -0.05 3.30 0.99
C CYS A 28 1.21 3.33 0.15
N ILE A 29 1.45 4.36 -0.66
CA ILE A 29 2.67 4.45 -1.43
C ILE A 29 3.86 4.56 -0.49
N GLY A 30 3.84 5.59 0.36
CA GLY A 30 4.86 5.86 1.35
C GLY A 30 5.27 4.60 2.14
N ILE A 31 4.35 3.67 2.36
CA ILE A 31 4.63 2.40 3.02
C ILE A 31 5.14 1.40 1.99
N THR A 32 4.34 1.12 0.97
CA THR A 32 4.58 0.01 0.06
C THR A 32 5.91 0.13 -0.66
N THR A 33 6.22 1.35 -1.13
CA THR A 33 7.44 1.61 -1.84
C THR A 33 8.64 1.63 -0.87
N ASP A 34 8.39 1.63 0.45
CA ASP A 34 9.44 1.75 1.44
C ASP A 34 10.28 0.47 1.48
N PRO A 35 11.60 0.50 1.25
CA PRO A 35 12.43 -0.68 1.42
C PRO A 35 12.46 -1.15 2.88
N GLU A 36 12.11 -0.30 3.83
CA GLU A 36 12.06 -0.63 5.24
C GLU A 36 10.81 -1.44 5.62
N CYS A 37 9.88 -1.57 4.70
CA CYS A 37 8.55 -2.13 4.91
C CYS A 37 8.61 -3.51 5.56
N GLY A 38 8.48 -3.55 6.89
CA GLY A 38 8.59 -4.75 7.69
C GLY A 38 9.95 -5.45 7.49
N LEU A 39 10.98 -4.71 7.11
CA LEU A 39 12.25 -5.28 6.71
C LEU A 39 13.11 -5.52 7.96
N PRO A 40 13.51 -6.76 8.26
CA PRO A 40 14.20 -7.09 9.49
C PRO A 40 15.64 -6.56 9.53
N ASP A 1 -14.86 -2.96 -3.95
CA ASP A 1 -13.58 -3.37 -4.55
C ASP A 1 -12.89 -4.45 -3.69
N PRO A 2 -12.31 -5.49 -4.31
CA PRO A 2 -11.76 -6.62 -3.59
C PRO A 2 -10.36 -6.29 -3.09
N MET A 3 -10.02 -6.78 -1.89
CA MET A 3 -8.72 -6.56 -1.27
C MET A 3 -8.60 -5.09 -0.86
N THR A 4 -8.44 -4.87 0.43
CA THR A 4 -8.52 -3.54 0.95
C THR A 4 -7.33 -2.68 0.56
N CYS A 5 -7.56 -1.38 0.68
CA CYS A 5 -6.51 -0.39 0.79
C CYS A 5 -5.50 -0.82 1.85
N GLU A 6 -5.95 -1.21 3.05
CA GLU A 6 -5.08 -1.82 4.05
C GLU A 6 -4.26 -2.93 3.39
N GLN A 7 -4.92 -3.96 2.87
CA GLN A 7 -4.22 -5.09 2.27
C GLN A 7 -3.10 -4.64 1.33
N ALA A 8 -3.37 -3.70 0.42
CA ALA A 8 -2.33 -3.19 -0.46
C ALA A 8 -1.13 -2.70 0.35
N MET A 9 -1.35 -1.89 1.39
CA MET A 9 -0.29 -1.46 2.30
C MET A 9 0.44 -2.63 2.90
N ALA A 10 -0.35 -3.48 3.53
CA ALA A 10 0.06 -4.54 4.43
C ALA A 10 0.90 -5.55 3.66
N SER A 11 0.68 -5.65 2.35
CA SER A 11 1.44 -6.56 1.51
C SER A 11 2.61 -5.89 0.79
N CYS A 12 2.77 -4.57 0.89
CA CYS A 12 3.86 -3.85 0.22
C CYS A 12 3.67 -3.79 -1.30
N GLU A 13 2.46 -4.06 -1.78
CA GLU A 13 2.19 -4.09 -3.22
C GLU A 13 1.79 -2.70 -3.71
N HIS A 14 2.76 -1.82 -3.95
CA HIS A 14 2.48 -0.48 -4.47
C HIS A 14 1.65 -0.54 -5.74
N THR A 15 1.88 -1.56 -6.57
CA THR A 15 1.18 -1.64 -7.83
C THR A 15 -0.32 -1.86 -7.59
N MET A 16 -0.69 -2.50 -6.47
CA MET A 16 -2.07 -2.69 -6.05
C MET A 16 -2.60 -1.49 -5.26
N CYS A 17 -1.77 -0.49 -4.99
CA CYS A 17 -2.14 0.65 -4.14
C CYS A 17 -3.39 1.37 -4.61
N GLY A 18 -3.82 1.11 -5.85
CA GLY A 18 -5.07 1.60 -6.41
C GLY A 18 -6.30 1.25 -5.57
N TYR A 19 -6.23 0.29 -4.63
CA TYR A 19 -7.32 0.07 -3.70
C TYR A 19 -7.50 1.28 -2.78
N CYS A 20 -6.41 1.95 -2.40
CA CYS A 20 -6.45 3.22 -1.68
C CYS A 20 -6.75 4.34 -2.65
N GLN A 21 -7.20 5.51 -2.17
CA GLN A 21 -7.42 6.67 -3.02
C GLN A 21 -7.18 7.93 -2.21
N GLY A 22 -7.05 9.09 -2.85
CA GLY A 22 -6.88 10.35 -2.16
C GLY A 22 -5.58 10.34 -1.35
N PRO A 23 -5.56 10.87 -0.12
CA PRO A 23 -4.35 10.86 0.69
C PRO A 23 -3.86 9.44 0.88
N LEU A 24 -4.79 8.50 1.02
CA LEU A 24 -4.45 7.14 1.32
C LEU A 24 -3.73 6.50 0.16
N TYR A 25 -3.95 6.94 -1.08
CA TYR A 25 -3.12 6.49 -2.18
C TYR A 25 -1.67 6.83 -1.86
N MET A 26 -1.41 8.10 -1.57
CA MET A 26 -0.08 8.55 -1.26
C MET A 26 0.46 7.78 -0.06
N THR A 27 -0.33 7.64 1.00
CA THR A 27 0.13 6.98 2.21
C THR A 27 0.46 5.51 1.95
N CYS A 28 -0.46 4.77 1.35
CA CYS A 28 -0.19 3.43 0.92
C CYS A 28 1.03 3.39 0.02
N ILE A 29 1.24 4.37 -0.86
CA ILE A 29 2.43 4.35 -1.66
C ILE A 29 3.63 4.42 -0.74
N GLY A 30 3.72 5.47 0.08
CA GLY A 30 4.76 5.65 1.06
C GLY A 30 5.10 4.31 1.68
N ILE A 31 4.10 3.70 2.32
CA ILE A 31 4.24 2.45 3.04
C ILE A 31 4.81 1.35 2.14
N THR A 32 4.12 1.07 1.03
CA THR A 32 4.46 -0.07 0.19
C THR A 32 5.86 0.11 -0.39
N THR A 33 6.15 1.32 -0.83
CA THR A 33 7.39 1.71 -1.44
C THR A 33 8.43 2.04 -0.35
N ASP A 34 8.13 1.80 0.94
CA ASP A 34 9.06 2.07 2.04
C ASP A 34 10.03 0.89 2.14
N PRO A 35 11.32 1.09 2.41
CA PRO A 35 12.24 -0.01 2.70
C PRO A 35 11.84 -0.78 3.97
N GLU A 36 10.87 -0.30 4.76
CA GLU A 36 10.28 -1.02 5.86
C GLU A 36 9.35 -2.14 5.39
N CYS A 37 9.03 -2.17 4.10
CA CYS A 37 8.40 -3.30 3.46
C CYS A 37 9.25 -4.54 3.69
N GLY A 38 8.73 -5.45 4.49
CA GLY A 38 9.37 -6.72 4.75
C GLY A 38 10.72 -6.52 5.42
N LEU A 39 10.79 -5.55 6.33
CA LEU A 39 11.89 -5.46 7.28
C LEU A 39 11.80 -6.71 8.16
N PRO A 40 12.93 -7.29 8.61
CA PRO A 40 12.95 -8.50 9.41
C PRO A 40 12.14 -8.39 10.71
#